data_7BIM
#
_entry.id   7BIM
#
_cell.length_a   71.210
_cell.length_b   128.080
_cell.length_c   71.450
_cell.angle_alpha   90.000
_cell.angle_beta   110.670
_cell.angle_gamma   90.000
#
_symmetry.space_group_name_H-M   'P 1 21 1'
#
loop_
_entity.id
_entity.type
_entity.pdbx_description
1 polymer 'Nonameric de novo coiled coil CC-Type2-(GgLaId)4'
2 non-polymer GLYCEROL
3 non-polymer 'ISOPROPYL ALCOHOL'
4 water water
#
_entity_poly.entity_id   1
_entity_poly.type   'polypeptide(L)'
_entity_poly.pdbx_seq_one_letter_code
;(ACE)GEIAQGLKEIAKGLKEIAWGLKEIAQGLKG(NH2)
;
_entity_poly.pdbx_strand_id   A,B,C,D,E,F,G,H,I,J,K,L,M,N,O,P,Q,R,S,T,U,V,W,X,Y,Z,a,b,c,d,e,f,g,h,i,j
#
loop_
_chem_comp.id
_chem_comp.type
_chem_comp.name
_chem_comp.formula
ACE non-polymer 'ACETYL GROUP' 'C2 H4 O'
GOL non-polymer GLYCEROL 'C3 H8 O3'
IPA non-polymer 'ISOPROPYL ALCOHOL' 'C3 H8 O'
NH2 non-polymer 'AMINO GROUP' 'H2 N'
#
# COMPACT_ATOMS: atom_id res chain seq x y z
C ACE A 1 20.50 22.82 2.77
O ACE A 1 20.21 23.40 3.76
CH3 ACE A 1 20.64 21.29 2.67
N GLY A 2 20.72 23.42 1.62
CA GLY A 2 20.62 24.86 1.51
C GLY A 2 19.17 25.30 1.24
N GLU A 3 18.86 26.51 1.68
CA GLU A 3 17.48 26.95 1.68
C GLU A 3 16.95 27.31 0.29
N ILE A 4 17.79 27.88 -0.58
CA ILE A 4 17.34 28.14 -1.96
C ILE A 4 17.08 26.83 -2.69
N ALA A 5 18.02 25.87 -2.54
CA ALA A 5 17.81 24.56 -3.13
C ALA A 5 16.53 23.94 -2.61
N GLN A 6 16.26 24.07 -1.31
CA GLN A 6 15.05 23.52 -0.75
C GLN A 6 13.80 24.16 -1.35
N GLY A 7 13.84 25.48 -1.58
CA GLY A 7 12.76 26.17 -2.24
C GLY A 7 12.48 25.60 -3.63
N LEU A 8 13.55 25.33 -4.40
CA LEU A 8 13.39 24.71 -5.71
C LEU A 8 12.77 23.32 -5.61
N LYS A 9 13.21 22.55 -4.61
CA LYS A 9 12.65 21.22 -4.36
CA LYS A 9 12.65 21.22 -4.36
C LYS A 9 11.17 21.28 -3.98
N GLU A 10 10.77 22.30 -3.22
CA GLU A 10 9.36 22.48 -2.88
C GLU A 10 8.53 22.83 -4.15
N ILE A 11 9.11 23.66 -5.02
CA ILE A 11 8.47 23.96 -6.29
C ILE A 11 8.26 22.66 -7.10
N ALA A 12 9.27 21.81 -7.15
CA ALA A 12 9.16 20.52 -7.82
C ALA A 12 8.03 19.68 -7.24
N LYS A 13 7.91 19.65 -5.91
CA LYS A 13 6.80 18.93 -5.27
C LYS A 13 5.44 19.50 -5.66
N GLY A 14 5.35 20.83 -5.80
CA GLY A 14 4.15 21.47 -6.27
C GLY A 14 3.77 21.02 -7.68
N LEU A 15 4.77 20.93 -8.55
CA LEU A 15 4.55 20.43 -9.91
C LEU A 15 4.06 18.98 -9.91
N LYS A 16 4.62 18.15 -9.03
CA LYS A 16 4.14 16.78 -8.89
C LYS A 16 2.69 16.71 -8.41
N GLU A 17 2.30 17.62 -7.51
CA GLU A 17 0.92 17.69 -7.08
C GLU A 17 0.00 18.06 -8.24
N ILE A 18 0.44 18.99 -9.09
CA ILE A 18 -0.29 19.37 -10.29
C ILE A 18 -0.47 18.13 -11.19
N ALA A 19 0.60 17.35 -11.37
CA ALA A 19 0.51 16.12 -12.13
C ALA A 19 -0.56 15.19 -11.60
N TRP A 20 -0.61 15.03 -10.27
CA TRP A 20 -1.65 14.22 -9.65
C TRP A 20 -3.05 14.76 -9.91
N GLY A 21 -3.21 16.08 -9.89
CA GLY A 21 -4.46 16.70 -10.24
C GLY A 21 -4.90 16.35 -11.67
N LEU A 22 -3.95 16.39 -12.61
CA LEU A 22 -4.23 16.01 -13.98
C LEU A 22 -4.65 14.54 -14.09
N LYS A 23 -3.97 13.67 -13.32
CA LYS A 23 -4.37 12.26 -13.28
C LYS A 23 -5.78 12.07 -12.75
N GLU A 24 -6.18 12.88 -11.76
CA GLU A 24 -7.54 12.83 -11.25
C GLU A 24 -8.55 13.27 -12.31
N ILE A 25 -8.20 14.29 -13.09
CA ILE A 25 -9.03 14.71 -14.20
C ILE A 25 -9.19 13.55 -15.20
N ALA A 26 -8.08 12.87 -15.51
CA ALA A 26 -8.12 11.74 -16.42
C ALA A 26 -9.11 10.67 -15.93
N GLN A 27 -9.06 10.38 -14.64
CA GLN A 27 -9.95 9.37 -14.02
C GLN A 27 -11.40 9.82 -14.10
N GLY A 28 -11.64 11.13 -13.93
CA GLY A 28 -12.96 11.73 -14.04
C GLY A 28 -13.53 11.62 -15.43
N LEU A 29 -12.69 11.77 -16.45
CA LEU A 29 -13.10 11.57 -17.85
C LEU A 29 -13.40 10.10 -18.13
N LYS A 30 -12.58 9.21 -17.58
CA LYS A 30 -12.69 7.76 -17.81
C LYS A 30 -13.97 7.16 -17.23
N GLY A 31 -14.53 7.81 -16.21
CA GLY A 31 -15.80 7.40 -15.61
C GLY A 31 -15.97 8.25 -14.39
C ACE B 1 25.85 18.20 -6.74
O ACE B 1 25.76 18.05 -5.57
CH3 ACE B 1 26.30 17.06 -7.66
N GLY B 2 25.61 19.34 -7.34
CA GLY B 2 25.25 20.51 -6.60
C GLY B 2 23.77 20.58 -6.28
N GLU B 3 23.42 21.23 -5.15
CA GLU B 3 22.07 21.17 -4.67
C GLU B 3 21.11 22.07 -5.48
N ILE B 4 21.60 23.24 -5.97
CA ILE B 4 20.75 24.06 -6.83
C ILE B 4 20.44 23.32 -8.14
N ALA B 5 21.48 22.75 -8.75
CA ALA B 5 21.30 21.96 -9.95
C ALA B 5 20.32 20.83 -9.70
N GLN B 6 20.42 20.17 -8.55
CA GLN B 6 19.52 19.08 -8.21
C GLN B 6 18.07 19.57 -8.12
N GLY B 7 17.87 20.76 -7.53
CA GLY B 7 16.56 21.35 -7.48
C GLY B 7 15.97 21.57 -8.86
N LEU B 8 16.78 22.07 -9.79
CA LEU B 8 16.34 22.24 -11.18
C LEU B 8 15.97 20.90 -11.82
N LYS B 9 16.78 19.87 -11.56
CA LYS B 9 16.51 18.53 -12.07
C LYS B 9 15.22 17.96 -11.49
N GLU B 10 14.91 18.24 -10.22
CA GLU B 10 13.65 17.81 -9.65
C GLU B 10 12.47 18.54 -10.30
N ILE B 11 12.63 19.82 -10.58
CA ILE B 11 11.62 20.58 -11.31
C ILE B 11 11.36 19.92 -12.69
N ALA B 12 12.42 19.55 -13.39
CA ALA B 12 12.29 18.86 -14.66
C ALA B 12 11.50 17.57 -14.51
N LYS B 13 11.78 16.79 -13.46
CA LYS B 13 11.03 15.56 -13.20
C LYS B 13 9.55 15.85 -12.95
N GLY B 14 9.25 16.93 -12.26
CA GLY B 14 7.88 17.38 -12.04
C GLY B 14 7.17 17.67 -13.36
N LEU B 15 7.87 18.35 -14.27
CA LEU B 15 7.32 18.61 -15.59
C LEU B 15 7.04 17.33 -16.37
N LYS B 16 7.94 16.36 -16.27
CA LYS B 16 7.70 15.05 -16.89
C LYS B 16 6.50 14.34 -16.30
N GLU B 17 6.28 14.46 -14.98
CA GLU B 17 5.09 13.88 -14.36
CA GLU B 17 5.09 13.88 -14.36
C GLU B 17 3.83 14.54 -14.90
N ILE B 18 3.89 15.87 -15.09
CA ILE B 18 2.77 16.61 -15.69
C ILE B 18 2.49 16.04 -17.09
N ALA B 19 3.53 15.83 -17.88
CA ALA B 19 3.39 15.24 -19.21
C ALA B 19 2.67 13.89 -19.14
N TRP B 20 3.04 13.05 -18.18
CA TRP B 20 2.39 11.75 -18.00
C TRP B 20 0.91 11.91 -17.66
N GLY B 21 0.58 12.92 -16.82
CA GLY B 21 -0.79 13.24 -16.53
C GLY B 21 -1.58 13.62 -17.77
N LEU B 22 -0.98 14.41 -18.65
CA LEU B 22 -1.61 14.77 -19.91
C LEU B 22 -1.85 13.56 -20.80
N LYS B 23 -0.88 12.64 -20.84
CA LYS B 23 -1.07 11.40 -21.57
C LYS B 23 -2.23 10.57 -21.02
N GLU B 24 -2.41 10.57 -19.70
CA GLU B 24 -3.54 9.89 -19.11
C GLU B 24 -4.87 10.53 -19.48
N ILE B 25 -4.88 11.88 -19.54
CA ILE B 25 -6.04 12.61 -20.00
C ILE B 25 -6.37 12.20 -21.45
N ALA B 26 -5.34 12.11 -22.29
CA ALA B 26 -5.54 11.72 -23.69
C ALA B 26 -6.21 10.35 -23.77
N GLN B 27 -5.76 9.42 -22.93
CA GLN B 27 -6.34 8.06 -22.91
C GLN B 27 -7.80 8.11 -22.44
N GLY B 28 -8.09 8.97 -21.47
CA GLY B 28 -9.43 9.19 -20.98
C GLY B 28 -10.39 9.73 -22.02
N LEU B 29 -9.89 10.63 -22.87
CA LEU B 29 -10.66 11.16 -24.01
C LEU B 29 -10.90 10.08 -25.07
N LYS B 30 -9.87 9.27 -25.32
CA LYS B 30 -9.92 8.23 -26.35
C LYS B 30 -10.92 7.12 -26.04
N GLY B 31 -11.22 6.91 -24.75
CA GLY B 31 -12.23 5.96 -24.31
C GLY B 31 -13.26 6.49 -23.33
C ACE C 1 28.73 21.27 -17.85
O ACE C 1 29.04 20.46 -17.02
CH3 ACE C 1 29.03 21.03 -19.34
N GLY C 2 28.16 22.44 -17.58
CA GLY C 2 27.89 22.78 -16.20
C GLY C 2 26.57 22.22 -15.71
N GLU C 3 26.48 22.02 -14.40
CA GLU C 3 25.33 21.36 -13.83
C GLU C 3 24.07 22.24 -13.79
N ILE C 4 24.22 23.55 -13.56
CA ILE C 4 23.05 24.43 -13.63
C ILE C 4 22.49 24.49 -15.05
N ALA C 5 23.39 24.63 -16.03
CA ALA C 5 22.98 24.61 -17.43
C ALA C 5 22.27 23.30 -17.74
N GLN C 6 22.81 22.19 -17.23
CA GLN C 6 22.17 20.90 -17.48
C GLN C 6 20.78 20.82 -16.88
N GLY C 7 20.60 21.39 -15.69
CA GLY C 7 19.29 21.49 -15.08
C GLY C 7 18.30 22.23 -15.96
N LEU C 8 18.73 23.35 -16.54
CA LEU C 8 17.88 24.10 -17.46
C LEU C 8 17.52 23.28 -18.69
N LYS C 9 18.51 22.54 -19.22
CA LYS C 9 18.27 21.67 -20.37
C LYS C 9 17.30 20.55 -20.05
N GLU C 10 17.34 20.01 -18.82
CA GLU C 10 16.38 18.99 -18.42
C GLU C 10 14.97 19.59 -18.30
N ILE C 11 14.87 20.82 -17.79
CA ILE C 11 13.59 21.52 -17.75
C ILE C 11 13.02 21.66 -19.18
N ALA C 12 13.87 22.03 -20.13
CA ALA C 12 13.45 22.13 -21.52
C ALA C 12 12.91 20.80 -22.03
N LYS C 13 13.61 19.70 -21.72
CA LYS C 13 13.12 18.37 -22.10
C LYS C 13 11.77 18.04 -21.51
N GLY C 14 11.55 18.46 -20.25
CA GLY C 14 10.26 18.30 -19.58
C GLY C 14 9.16 19.04 -20.34
N LEU C 15 9.46 20.27 -20.78
CA LEU C 15 8.50 21.04 -21.57
C LEU C 15 8.18 20.35 -22.90
N LYS C 16 9.19 19.77 -23.55
CA LYS C 16 8.96 19.00 -24.77
C LYS C 16 8.07 17.80 -24.53
N GLU C 17 8.24 17.12 -23.39
CA GLU C 17 7.37 16.00 -23.04
C GLU C 17 5.93 16.47 -22.85
N ILE C 18 5.76 17.64 -22.23
CA ILE C 18 4.42 18.26 -22.08
C ILE C 18 3.81 18.49 -23.46
N ALA C 19 4.61 19.02 -24.39
CA ALA C 19 4.14 19.24 -25.76
C ALA C 19 3.64 17.93 -26.38
N TRP C 20 4.40 16.84 -26.19
CA TRP C 20 3.99 15.54 -26.68
C TRP C 20 2.69 15.07 -26.07
N GLY C 21 2.51 15.32 -24.77
CA GLY C 21 1.25 15.04 -24.11
C GLY C 21 0.08 15.78 -24.72
N LEU C 22 0.28 17.05 -25.07
CA LEU C 22 -0.75 17.83 -25.76
C LEU C 22 -1.09 17.23 -27.13
N LYS C 23 -0.05 16.80 -27.87
CA LYS C 23 -0.28 16.13 -29.13
C LYS C 23 -1.10 14.84 -28.96
N GLU C 24 -0.85 14.09 -27.89
CA GLU C 24 -1.63 12.91 -27.60
C GLU C 24 -3.08 13.24 -27.28
N ILE C 25 -3.30 14.33 -26.55
CA ILE C 25 -4.66 14.82 -26.30
C ILE C 25 -5.35 15.15 -27.62
N ALA C 26 -4.64 15.81 -28.53
CA ALA C 26 -5.20 16.17 -29.83
C ALA C 26 -5.68 14.89 -30.57
N GLN C 27 -4.84 13.84 -30.52
CA GLN C 27 -5.18 12.58 -31.17
C GLN C 27 -6.41 11.93 -30.51
N GLY C 28 -6.49 12.05 -29.19
CA GLY C 28 -7.62 11.57 -28.42
C GLY C 28 -8.93 12.25 -28.74
N LEU C 29 -8.88 13.56 -29.01
CA LEU C 29 -10.04 14.33 -29.48
C LEU C 29 -10.44 13.91 -30.88
N LYS C 30 -9.45 13.70 -31.74
CA LYS C 30 -9.67 13.36 -33.15
C LYS C 30 -10.34 12.00 -33.34
N GLY C 31 -10.18 11.10 -32.38
CA GLY C 31 -10.83 9.80 -32.37
C GLY C 31 -11.57 9.44 -31.08
C ACE D 1 27.69 30.57 -25.27
O ACE D 1 28.36 29.56 -25.18
CH3 ACE D 1 27.51 31.32 -26.59
N GLY D 2 27.05 31.14 -24.25
CA GLY D 2 27.19 30.52 -22.93
C GLY D 2 26.15 29.42 -22.72
N GLU D 3 26.49 28.50 -21.83
CA GLU D 3 25.66 27.35 -21.58
C GLU D 3 24.36 27.66 -20.82
N ILE D 4 24.39 28.61 -19.89
CA ILE D 4 23.15 29.01 -19.22
C ILE D 4 22.19 29.68 -20.22
N ALA D 5 22.72 30.58 -21.05
CA ALA D 5 21.92 31.19 -22.09
C ALA D 5 21.34 30.14 -23.00
N GLN D 6 22.14 29.13 -23.36
CA GLN D 6 21.66 28.06 -24.23
C GLN D 6 20.51 27.29 -23.57
N GLY D 7 20.64 27.03 -22.27
CA GLY D 7 19.57 26.40 -21.53
C GLY D 7 18.27 27.19 -21.60
N LEU D 8 18.35 28.51 -21.45
CA LEU D 8 17.17 29.37 -21.58
C LEU D 8 16.57 29.29 -22.98
N LYS D 9 17.44 29.27 -24.00
CA LYS D 9 16.99 29.14 -25.38
C LYS D 9 16.31 27.80 -25.64
N GLU D 10 16.79 26.72 -25.00
CA GLU D 10 16.14 25.43 -25.13
C GLU D 10 14.76 25.44 -24.45
N ILE D 11 14.66 26.11 -23.29
CA ILE D 11 13.37 26.29 -22.64
C ILE D 11 12.39 27.00 -23.58
N ALA D 12 12.85 28.07 -24.24
CA ALA D 12 12.02 28.78 -25.20
C ALA D 12 11.54 27.85 -26.31
N LYS D 13 12.43 27.00 -26.83
CA LYS D 13 12.03 26.02 -27.86
C LYS D 13 10.98 25.06 -27.35
N GLY D 14 11.09 24.64 -26.08
CA GLY D 14 10.10 23.79 -25.44
C GLY D 14 8.74 24.47 -25.40
N LEU D 15 8.71 25.76 -25.07
CA LEU D 15 7.48 26.52 -25.07
C LEU D 15 6.85 26.61 -26.47
N LYS D 16 7.69 26.79 -27.50
CA LYS D 16 7.20 26.77 -28.86
C LYS D 16 6.61 25.41 -29.24
N GLU D 17 7.21 24.32 -28.78
CA GLU D 17 6.66 22.98 -29.01
C GLU D 17 5.29 22.85 -28.36
N ILE D 18 5.15 23.39 -27.15
CA ILE D 18 3.85 23.41 -26.45
C ILE D 18 2.83 24.16 -27.29
N ALA D 19 3.22 25.31 -27.85
CA ALA D 19 2.34 26.07 -28.72
C ALA D 19 1.85 25.22 -29.90
N TRP D 20 2.77 24.48 -30.53
CA TRP D 20 2.40 23.58 -31.62
C TRP D 20 1.42 22.51 -31.18
N GLY D 21 1.62 21.97 -29.97
CA GLY D 21 0.68 21.03 -29.41
C GLY D 21 -0.71 21.59 -29.24
N LEU D 22 -0.79 22.86 -28.78
CA LEU D 22 -2.08 23.54 -28.67
C LEU D 22 -2.73 23.73 -30.04
N LYS D 23 -1.95 24.07 -31.04
CA LYS D 23 -2.48 24.17 -32.40
C LYS D 23 -3.02 22.84 -32.90
N GLU D 24 -2.37 21.72 -32.55
CA GLU D 24 -2.88 20.41 -32.91
C GLU D 24 -4.21 20.11 -32.22
N ILE D 25 -4.33 20.52 -30.95
CA ILE D 25 -5.58 20.41 -30.22
C ILE D 25 -6.68 21.21 -30.95
N ALA D 26 -6.35 22.43 -31.37
CA ALA D 26 -7.29 23.27 -32.09
C ALA D 26 -7.81 22.57 -33.34
N GLN D 27 -6.91 21.93 -34.07
CA GLN D 27 -7.27 21.18 -35.31
C GLN D 27 -8.17 20.01 -34.97
N GLY D 28 -7.88 19.35 -33.85
CA GLY D 28 -8.69 18.24 -33.35
C GLY D 28 -10.10 18.63 -32.99
N LEU D 29 -10.26 19.82 -32.41
CA LEU D 29 -11.58 20.39 -32.10
C LEU D 29 -12.33 20.75 -33.38
N LYS D 30 -11.60 21.32 -34.36
CA LYS D 30 -12.18 21.80 -35.61
C LYS D 30 -12.73 20.68 -36.49
N GLY D 31 -12.20 19.45 -36.31
CA GLY D 31 -12.69 18.27 -37.00
C GLY D 31 -11.70 17.18 -36.67
C ACE E 1 23.33 41.43 -25.56
O ACE E 1 24.13 40.75 -26.15
CH3 ACE E 1 22.69 42.64 -26.22
N GLY E 2 22.97 41.20 -24.31
CA GLY E 2 23.51 40.08 -23.59
C GLY E 2 22.77 38.79 -23.87
N GLU E 3 23.49 37.67 -23.74
CA GLU E 3 22.94 36.38 -24.10
C GLU E 3 21.90 35.86 -23.12
N ILE E 4 22.07 36.13 -21.81
CA ILE E 4 21.03 35.71 -20.86
C ILE E 4 19.74 36.49 -21.10
N ALA E 5 19.86 37.81 -21.30
CA ALA E 5 18.72 38.63 -21.63
C ALA E 5 18.04 38.12 -22.90
N GLN E 6 18.83 37.74 -23.89
CA GLN E 6 18.28 37.21 -25.12
C GLN E 6 17.49 35.92 -24.89
N GLY E 7 18.03 35.05 -24.02
CA GLY E 7 17.33 33.84 -23.65
C GLY E 7 15.95 34.14 -23.04
N LEU E 8 15.89 35.13 -22.16
CA LEU E 8 14.63 35.55 -21.56
C LEU E 8 13.65 36.07 -22.61
N LYS E 9 14.18 36.86 -23.57
CA LYS E 9 13.37 37.37 -24.66
C LYS E 9 12.83 36.25 -25.57
N GLU E 10 13.62 35.20 -25.78
CA GLU E 10 13.14 34.04 -26.53
C GLU E 10 12.03 33.31 -25.78
N ILE E 11 12.17 33.19 -24.46
CA ILE E 11 11.13 32.62 -23.62
C ILE E 11 9.82 33.42 -23.79
N ALA E 12 9.92 34.76 -23.76
CA ALA E 12 8.77 35.62 -23.95
C ALA E 12 8.10 35.32 -25.31
N LYS E 13 8.90 35.18 -26.37
CA LYS E 13 8.37 34.84 -27.68
C LYS E 13 7.64 33.49 -27.69
N GLY E 14 8.17 32.53 -26.95
CA GLY E 14 7.53 31.23 -26.77
C GLY E 14 6.16 31.37 -26.13
N LEU E 15 6.07 32.22 -25.10
CA LEU E 15 4.80 32.48 -24.46
C LEU E 15 3.79 33.13 -25.40
N LYS E 16 4.25 34.06 -26.24
CA LYS E 16 3.39 34.65 -27.26
C LYS E 16 2.86 33.62 -28.25
N GLU E 17 3.72 32.64 -28.63
CA GLU E 17 3.28 31.58 -29.52
C GLU E 17 2.18 30.73 -28.83
N ILE E 18 2.36 30.46 -27.54
CA ILE E 18 1.36 29.75 -26.76
C ILE E 18 0.03 30.52 -26.78
N ALA E 19 0.09 31.84 -26.59
CA ALA E 19 -1.10 32.68 -26.65
C ALA E 19 -1.82 32.52 -28.00
N TRP E 20 -1.05 32.51 -29.11
CA TRP E 20 -1.65 32.31 -30.40
C TRP E 20 -2.32 30.94 -30.55
N GLY E 21 -1.69 29.92 -29.96
CA GLY E 21 -2.28 28.60 -29.91
C GLY E 21 -3.62 28.58 -29.19
N LEU E 22 -3.70 29.31 -28.07
CA LEU E 22 -4.97 29.43 -27.35
C LEU E 22 -6.03 30.12 -28.18
N LYS E 23 -5.62 31.18 -28.91
CA LYS E 23 -6.56 31.85 -29.81
C LYS E 23 -7.09 30.90 -30.90
N GLU E 24 -6.21 30.02 -31.41
CA GLU E 24 -6.64 29.02 -32.38
C GLU E 24 -7.65 28.03 -31.79
N ILE E 25 -7.41 27.63 -30.53
CA ILE E 25 -8.35 26.79 -29.82
C ILE E 25 -9.70 27.50 -29.70
N ALA E 26 -9.69 28.79 -29.37
CA ALA E 26 -10.94 29.57 -29.26
C ALA E 26 -11.71 29.52 -30.57
N GLN E 27 -10.99 29.67 -31.70
CA GLN E 27 -11.63 29.63 -33.03
C GLN E 27 -12.21 28.26 -33.31
N GLY E 28 -11.50 27.21 -32.88
CA GLY E 28 -11.95 25.83 -32.98
C GLY E 28 -13.23 25.54 -32.21
N LEU E 29 -13.35 26.14 -31.02
CA LEU E 29 -14.58 26.06 -30.22
C LEU E 29 -15.73 26.82 -30.89
N LYS E 30 -15.44 28.03 -31.37
CA LYS E 30 -16.40 28.98 -31.97
C LYS E 30 -15.66 30.33 -32.01
C ACE F 1 17.68 49.01 -18.56
O ACE F 1 18.38 49.02 -19.53
CH3 ACE F 1 16.64 50.09 -18.25
N GLY F 2 17.73 48.06 -17.66
CA GLY F 2 18.64 46.93 -17.81
C GLY F 2 18.04 45.84 -18.69
N GLU F 3 18.91 45.09 -19.35
CA GLU F 3 18.46 44.12 -20.33
C GLU F 3 17.84 42.86 -19.69
N ILE F 4 18.34 42.42 -18.53
CA ILE F 4 17.70 41.30 -17.84
C ILE F 4 16.29 41.68 -17.37
N ALA F 5 16.19 42.87 -16.77
CA ALA F 5 14.89 43.39 -16.35
C ALA F 5 13.95 43.47 -17.55
N GLN F 6 14.46 43.92 -18.70
CA GLN F 6 13.63 44.03 -19.90
C GLN F 6 13.14 42.65 -20.35
N GLY F 7 14.01 41.63 -20.25
CA GLY F 7 13.62 40.27 -20.55
C GLY F 7 12.47 39.81 -19.67
N LEU F 8 12.54 40.11 -18.37
CA LEU F 8 11.45 39.77 -17.45
C LEU F 8 10.16 40.49 -17.83
N LYS F 9 10.27 41.77 -18.21
CA LYS F 9 9.11 42.53 -18.67
C LYS F 9 8.50 41.97 -19.93
N GLU F 10 9.32 41.46 -20.84
CA GLU F 10 8.80 40.81 -22.05
C GLU F 10 8.07 39.51 -21.70
N ILE F 11 8.61 38.76 -20.74
CA ILE F 11 7.94 37.56 -20.25
C ILE F 11 6.54 37.93 -19.69
N ALA F 12 6.48 39.00 -18.90
CA ALA F 12 5.21 39.47 -18.38
C ALA F 12 4.22 39.79 -19.51
N LYS F 13 4.70 40.46 -20.57
CA LYS F 13 3.83 40.75 -21.71
C LYS F 13 3.32 39.46 -22.38
N GLY F 14 4.18 38.44 -22.46
CA GLY F 14 3.80 37.14 -22.98
C GLY F 14 2.67 36.52 -22.15
N LEU F 15 2.78 36.62 -20.82
CA LEU F 15 1.72 36.13 -19.95
C LEU F 15 0.40 36.87 -20.16
N LYS F 16 0.48 38.19 -20.36
CA LYS F 16 -0.73 38.97 -20.69
C LYS F 16 -1.35 38.53 -21.99
N GLU F 17 -0.54 38.19 -22.99
CA GLU F 17 -1.06 37.68 -24.26
CA GLU F 17 -1.05 37.68 -24.27
C GLU F 17 -1.78 36.35 -24.05
N ILE F 18 -1.22 35.51 -23.19
CA ILE F 18 -1.87 34.24 -22.81
C ILE F 18 -3.23 34.52 -22.17
N ALA F 19 -3.29 35.49 -21.29
CA ALA F 19 -4.56 35.90 -20.68
C ALA F 19 -5.59 36.29 -21.74
N TRP F 20 -5.17 37.06 -22.75
CA TRP F 20 -6.06 37.44 -23.84
C TRP F 20 -6.56 36.20 -24.63
N GLY F 21 -5.65 35.22 -24.82
CA GLY F 21 -6.04 33.99 -25.43
C GLY F 21 -7.13 33.25 -24.64
N LEU F 22 -6.99 33.23 -23.32
CA LEU F 22 -8.01 32.64 -22.45
C LEU F 22 -9.33 33.36 -22.56
N LYS F 23 -9.30 34.70 -22.62
CA LYS F 23 -10.52 35.46 -22.83
C LYS F 23 -11.20 35.12 -24.16
N GLU F 24 -10.40 34.88 -25.21
CA GLU F 24 -10.96 34.46 -26.48
CA GLU F 24 -10.96 34.46 -26.48
C GLU F 24 -11.62 33.07 -26.38
N ILE F 25 -11.00 32.16 -25.63
CA ILE F 25 -11.59 30.87 -25.37
C ILE F 25 -12.93 31.03 -24.65
N ALA F 26 -12.98 31.92 -23.65
CA ALA F 26 -14.21 32.16 -22.92
C ALA F 26 -15.33 32.63 -23.87
N GLN F 27 -14.98 33.51 -24.81
CA GLN F 27 -15.95 34.03 -25.81
C GLN F 27 -16.42 32.89 -26.71
N GLY F 28 -15.50 32.00 -27.07
CA GLY F 28 -15.81 30.84 -27.88
C GLY F 28 -16.77 29.87 -27.21
N LEU F 29 -16.63 29.69 -25.89
CA LEU F 29 -17.55 28.88 -25.10
C LEU F 29 -18.92 29.54 -25.00
N LYS F 30 -18.92 30.86 -24.82
CA LYS F 30 -20.15 31.63 -24.64
C LYS F 30 -21.05 31.66 -25.86
N GLY F 31 -20.45 31.45 -27.05
CA GLY F 31 -21.19 31.30 -28.30
C GLY F 31 -20.90 30.00 -29.10
C ACE G 1 13.34 49.77 -7.64
O ACE G 1 13.71 50.52 -8.52
CH3 ACE G 1 12.26 50.16 -6.64
N GLY G 2 13.79 48.52 -7.50
CA GLY G 2 14.74 48.00 -8.46
C GLY G 2 14.06 47.45 -9.70
N GLU G 3 14.79 47.44 -10.81
CA GLU G 3 14.22 47.05 -12.08
C GLU G 3 13.98 45.53 -12.22
N ILE G 4 14.86 44.72 -11.63
CA ILE G 4 14.60 43.26 -11.63
C ILE G 4 13.37 42.94 -10.80
N ALA G 5 13.26 43.54 -9.62
CA ALA G 5 12.09 43.37 -8.78
C ALA G 5 10.84 43.81 -9.54
N GLN G 6 10.93 44.92 -10.27
CA GLN G 6 9.79 45.40 -11.04
C GLN G 6 9.37 44.38 -12.12
N GLY G 7 10.38 43.77 -12.78
CA GLY G 7 10.11 42.74 -13.74
C GLY G 7 9.33 41.57 -13.13
N LEU G 8 9.73 41.14 -11.93
CA LEU G 8 9.04 40.07 -11.23
C LEU G 8 7.59 40.48 -10.90
N LYS G 9 7.41 41.74 -10.47
CA LYS G 9 6.09 42.25 -10.17
C LYS G 9 5.20 42.31 -11.41
N GLU G 10 5.77 42.63 -12.58
CA GLU G 10 5.02 42.61 -13.81
C GLU G 10 4.60 41.18 -14.19
N ILE G 11 5.51 40.21 -13.96
CA ILE G 11 5.17 38.82 -14.17
C ILE G 11 3.97 38.42 -13.28
N ALA G 12 3.99 38.83 -12.02
CA ALA G 12 2.89 38.57 -11.11
C ALA G 12 1.57 39.14 -11.65
N LYS G 13 1.62 40.39 -12.17
CA LYS G 13 0.43 40.98 -12.75
C LYS G 13 -0.09 40.18 -13.96
N GLY G 14 0.83 39.66 -14.77
CA GLY G 14 0.47 38.79 -15.87
C GLY G 14 -0.26 37.54 -15.41
N LEU G 15 0.22 36.95 -14.33
CA LEU G 15 -0.43 35.78 -13.74
C LEU G 15 -1.85 36.11 -13.25
N LYS G 16 -2.01 37.28 -12.64
CA LYS G 16 -3.34 37.73 -12.22
C LYS G 16 -4.27 37.92 -13.41
N GLU G 17 -3.76 38.43 -14.55
CA GLU G 17 -4.57 38.55 -15.74
CA GLU G 17 -4.57 38.55 -15.74
C GLU G 17 -5.02 37.18 -16.24
N ILE G 18 -4.10 36.20 -16.18
CA ILE G 18 -4.44 34.83 -16.56
C ILE G 18 -5.56 34.31 -15.65
N ALA G 19 -5.46 34.56 -14.33
CA ALA G 19 -6.50 34.18 -13.41
C ALA G 19 -7.85 34.74 -13.81
N TRP G 20 -7.88 36.03 -14.19
CA TRP G 20 -9.13 36.64 -14.63
C TRP G 20 -9.68 35.99 -15.88
N GLY G 21 -8.79 35.61 -16.81
CA GLY G 21 -9.20 34.87 -17.98
C GLY G 21 -9.86 33.53 -17.63
N LEU G 22 -9.29 32.82 -16.65
CA LEU G 22 -9.89 31.59 -16.17
C LEU G 22 -11.27 31.81 -15.56
N LYS G 23 -11.41 32.89 -14.78
CA LYS G 23 -12.71 33.24 -14.24
C LYS G 23 -13.75 33.51 -15.34
N GLU G 24 -13.31 34.16 -16.43
CA GLU G 24 -14.19 34.38 -17.55
C GLU G 24 -14.62 33.07 -18.23
N ILE G 25 -13.67 32.12 -18.33
CA ILE G 25 -13.98 30.80 -18.83
C ILE G 25 -15.03 30.13 -17.94
N ALA G 26 -14.87 30.25 -16.61
CA ALA G 26 -15.83 29.67 -15.67
C ALA G 26 -17.23 30.22 -15.94
N GLN G 27 -17.32 31.52 -16.17
CA GLN G 27 -18.62 32.19 -16.45
C GLN G 27 -19.20 31.65 -17.76
N GLY G 28 -18.34 31.43 -18.76
CA GLY G 28 -18.73 30.88 -20.03
C GLY G 28 -19.29 29.45 -19.93
N LEU G 29 -18.70 28.64 -19.05
CA LEU G 29 -19.19 27.29 -18.76
C LEU G 29 -20.51 27.33 -18.02
N LYS G 30 -20.61 28.21 -17.02
CA LYS G 30 -21.81 28.35 -16.17
C LYS G 30 -23.00 28.76 -17.01
C ACE H 1 12.45 43.30 2.11
O ACE H 1 12.44 44.45 1.76
CH3 ACE H 1 11.75 42.81 3.37
N GLY H 2 13.09 42.33 1.43
CA GLY H 2 13.78 42.66 0.21
C GLY H 2 12.86 42.70 -1.00
N GLU H 3 13.24 43.48 -2.00
CA GLU H 3 12.36 43.69 -3.14
C GLU H 3 12.29 42.49 -4.09
N ILE H 4 13.39 41.77 -4.27
CA ILE H 4 13.34 40.55 -5.08
C ILE H 4 12.45 39.50 -4.41
N ALA H 5 12.63 39.31 -3.09
CA ALA H 5 11.81 38.39 -2.36
C ALA H 5 10.33 38.80 -2.48
N GLN H 6 10.05 40.11 -2.40
CA GLN H 6 8.69 40.58 -2.54
C GLN H 6 8.11 40.27 -3.92
N GLY H 7 8.92 40.42 -4.96
CA GLY H 7 8.52 40.04 -6.30
C GLY H 7 8.12 38.57 -6.39
N LEU H 8 8.92 37.69 -5.76
CA LEU H 8 8.58 36.28 -5.74
C LEU H 8 7.27 36.02 -5.00
N LYS H 9 7.07 36.72 -3.88
CA LYS H 9 5.82 36.61 -3.12
C LYS H 9 4.62 37.09 -3.92
N GLU H 10 4.78 38.13 -4.74
CA GLU H 10 3.70 38.59 -5.61
CA GLU H 10 3.70 38.59 -5.61
C GLU H 10 3.38 37.53 -6.68
N ILE H 11 4.42 36.90 -7.23
CA ILE H 11 4.23 35.81 -8.16
C ILE H 11 3.41 34.68 -7.50
N ALA H 12 3.75 34.32 -6.27
CA ALA H 12 3.00 33.31 -5.53
C ALA H 12 1.54 33.70 -5.40
N LYS H 13 1.26 34.98 -5.08
CA LYS H 13 -0.13 35.45 -5.00
C LYS H 13 -0.86 35.31 -6.33
N GLY H 14 -0.17 35.58 -7.44
CA GLY H 14 -0.69 35.38 -8.77
C GLY H 14 -1.10 33.92 -9.02
N LEU H 15 -0.23 33.01 -8.59
CA LEU H 15 -0.53 31.58 -8.71
C LEU H 15 -1.77 31.19 -7.89
N LYS H 16 -1.90 31.76 -6.69
CA LYS H 16 -3.09 31.53 -5.87
C LYS H 16 -4.35 32.05 -6.54
N GLU H 17 -4.26 33.19 -7.22
CA GLU H 17 -5.40 33.72 -7.97
CA GLU H 17 -5.40 33.72 -7.97
C GLU H 17 -5.79 32.77 -9.11
N ILE H 18 -4.78 32.20 -9.78
CA ILE H 18 -5.02 31.19 -10.81
C ILE H 18 -5.76 29.99 -10.21
N ALA H 19 -5.32 29.54 -9.04
CA ALA H 19 -6.00 28.44 -8.35
C ALA H 19 -7.47 28.77 -8.11
N TRP H 20 -7.77 29.99 -7.68
CA TRP H 20 -9.16 30.41 -7.48
C TRP H 20 -9.95 30.39 -8.79
N GLY H 21 -9.31 30.79 -9.89
CA GLY H 21 -9.93 30.69 -11.19
C GLY H 21 -10.30 29.26 -11.55
N LEU H 22 -9.40 28.32 -11.25
CA LEU H 22 -9.67 26.91 -11.49
C LEU H 22 -10.84 26.41 -10.63
N LYS H 23 -10.89 26.85 -9.38
CA LYS H 23 -12.01 26.52 -8.50
C LYS H 23 -13.34 27.02 -9.07
N GLU H 24 -13.33 28.23 -9.67
CA GLU H 24 -14.52 28.75 -10.30
C GLU H 24 -14.94 27.93 -11.51
N ILE H 25 -13.95 27.47 -12.29
CA ILE H 25 -14.21 26.57 -13.41
C ILE H 25 -14.88 25.29 -12.89
N ALA H 26 -14.35 24.73 -11.79
CA ALA H 26 -14.91 23.51 -11.21
C ALA H 26 -16.39 23.71 -10.86
N GLN H 27 -16.70 24.87 -10.26
CA GLN H 27 -18.09 25.19 -9.88
C GLN H 27 -18.97 25.31 -11.12
N GLY H 28 -18.43 25.89 -12.18
CA GLY H 28 -19.11 26.02 -13.46
C GLY H 28 -19.43 24.69 -14.11
N LEU H 29 -18.53 23.72 -13.99
CA LEU H 29 -18.76 22.35 -14.46
C LEU H 29 -19.81 21.64 -13.63
N LYS H 30 -19.77 21.87 -12.31
CA LYS H 30 -20.66 21.21 -11.35
C LYS H 30 -22.12 21.64 -11.51
N GLY H 31 -22.35 22.83 -12.07
CA GLY H 31 -23.68 23.33 -12.38
C GLY H 31 -23.87 23.88 -13.78
C ACE I 1 15.25 32.67 6.20
O ACE I 1 14.98 33.75 6.60
CH3 ACE I 1 15.13 31.41 7.06
N GLY I 2 15.76 32.45 5.03
CA GLY I 2 16.06 33.55 4.11
C GLY I 2 14.83 33.98 3.31
N GLU I 3 14.80 35.23 2.92
CA GLU I 3 13.62 35.79 2.31
CA GLU I 3 13.59 35.78 2.30
C GLU I 3 13.41 35.32 0.85
N ILE I 4 14.53 35.15 0.09
CA ILE I 4 14.39 34.63 -1.26
C ILE I 4 13.88 33.19 -1.23
N ALA I 5 14.48 32.37 -0.34
CA ALA I 5 14.02 31.00 -0.17
C ALA I 5 12.56 30.98 0.22
N GLN I 6 12.14 31.89 1.09
CA GLN I 6 10.73 31.94 1.49
C GLN I 6 9.83 32.27 0.31
N GLY I 7 10.27 33.18 -0.55
CA GLY I 7 9.54 33.49 -1.77
C GLY I 7 9.34 32.27 -2.65
N LEU I 8 10.40 31.46 -2.81
CA LEU I 8 10.29 30.22 -3.57
C LEU I 8 9.31 29.25 -2.93
N LYS I 9 9.34 29.16 -1.60
CA LYS I 9 8.41 28.31 -0.87
C LYS I 9 6.96 28.77 -1.01
N GLU I 10 6.74 30.08 -1.07
CA GLU I 10 5.39 30.61 -1.32
C GLU I 10 4.92 30.26 -2.74
N ILE I 11 5.84 30.34 -3.71
CA ILE I 11 5.53 29.92 -5.07
C ILE I 11 5.11 28.44 -5.08
N ALA I 12 5.83 27.60 -4.36
CA ALA I 12 5.49 26.18 -4.25
C ALA I 12 4.09 26.02 -3.69
N LYS I 13 3.74 26.77 -2.64
CA LYS I 13 2.39 26.73 -2.09
C LYS I 13 1.33 27.12 -3.10
N GLY I 14 1.63 28.12 -3.93
CA GLY I 14 0.75 28.55 -5.02
C GLY I 14 0.51 27.40 -6.00
N LEU I 15 1.57 26.70 -6.35
CA LEU I 15 1.46 25.54 -7.23
C LEU I 15 0.59 24.43 -6.62
N LYS I 16 0.74 24.19 -5.32
CA LYS I 16 -0.12 23.25 -4.62
C LYS I 16 -1.57 23.65 -4.64
N GLU I 17 -1.85 24.95 -4.51
CA GLU I 17 -3.23 25.45 -4.60
C GLU I 17 -3.79 25.18 -6.00
N ILE I 18 -2.96 25.39 -7.03
CA ILE I 18 -3.35 25.07 -8.41
C ILE I 18 -3.72 23.60 -8.53
N ALA I 19 -2.88 22.73 -7.95
CA ALA I 19 -3.16 21.28 -7.94
C ALA I 19 -4.53 21.00 -7.33
N TRP I 20 -4.84 21.64 -6.20
CA TRP I 20 -6.14 21.47 -5.56
C TRP I 20 -7.28 21.93 -6.45
N GLY I 21 -7.07 23.03 -7.19
CA GLY I 21 -8.04 23.48 -8.14
C GLY I 21 -8.31 22.45 -9.24
N LEU I 22 -7.25 21.80 -9.72
CA LEU I 22 -7.41 20.74 -10.70
C LEU I 22 -8.20 19.55 -10.13
N LYS I 23 -7.91 19.20 -8.87
CA LYS I 23 -8.68 18.15 -8.23
C LYS I 23 -10.17 18.50 -8.12
N GLU I 24 -10.48 19.79 -7.86
CA GLU I 24 -11.86 20.22 -7.84
C GLU I 24 -12.52 20.12 -9.21
N ILE I 25 -11.76 20.45 -10.26
CA ILE I 25 -12.25 20.26 -11.62
C ILE I 25 -12.56 18.78 -11.87
N ALA I 26 -11.67 17.89 -11.43
CA ALA I 26 -11.88 16.46 -11.61
C ALA I 26 -13.20 16.02 -10.97
N GLN I 27 -13.46 16.54 -9.76
CA GLN I 27 -14.71 16.22 -9.03
C GLN I 27 -15.94 16.76 -9.80
N GLY I 28 -15.78 17.94 -10.38
CA GLY I 28 -16.81 18.56 -11.21
C GLY I 28 -17.15 17.78 -12.46
N LEU I 29 -16.14 17.17 -13.08
CA LEU I 29 -16.33 16.27 -14.22
C LEU I 29 -17.02 14.98 -13.81
N LYS I 30 -16.62 14.46 -12.65
CA LYS I 30 -17.12 13.17 -12.13
C LYS I 30 -18.61 13.23 -11.77
N GLY I 31 -19.12 14.42 -11.46
CA GLY I 31 -20.53 14.64 -11.19
C GLY I 31 -20.64 16.07 -10.70
C ACE J 1 -37.22 4.37 -7.22
O ACE J 1 -38.10 5.14 -6.96
CH3 ACE J 1 -36.49 4.35 -8.56
N GLY J 2 -36.83 3.43 -6.39
CA GLY J 2 -37.47 3.26 -5.11
C GLY J 2 -36.87 4.18 -4.05
N GLU J 3 -37.69 4.51 -3.06
CA GLU J 3 -37.28 5.48 -2.06
C GLU J 3 -36.24 4.94 -1.06
N ILE J 4 -36.35 3.65 -0.69
CA ILE J 4 -35.33 3.05 0.18
C ILE J 4 -33.98 3.01 -0.55
N ALA J 5 -34.01 2.55 -1.81
CA ALA J 5 -32.80 2.55 -2.60
C ALA J 5 -32.21 3.94 -2.71
N GLN J 6 -33.06 4.95 -2.89
CA GLN J 6 -32.59 6.33 -2.98
C GLN J 6 -31.92 6.77 -1.68
N GLY J 7 -32.50 6.36 -0.54
CA GLY J 7 -31.90 6.64 0.75
C GLY J 7 -30.49 6.06 0.85
N LEU J 8 -30.31 4.82 0.38
CA LEU J 8 -28.99 4.21 0.37
C LEU J 8 -28.02 4.96 -0.52
N LYS J 9 -28.50 5.40 -1.68
CA LYS J 9 -27.70 6.21 -2.61
C LYS J 9 -27.30 7.54 -2.00
N GLU J 10 -28.17 8.16 -1.22
CA GLU J 10 -27.82 9.40 -0.53
CA GLU J 10 -27.82 9.40 -0.53
C GLU J 10 -26.76 9.16 0.54
N ILE J 11 -26.87 8.02 1.26
CA ILE J 11 -25.84 7.63 2.21
C ILE J 11 -24.48 7.50 1.49
N ALA J 12 -24.47 6.84 0.34
CA ALA J 12 -23.25 6.71 -0.45
C ALA J 12 -22.68 8.08 -0.80
N LYS J 13 -23.52 9.03 -1.22
CA LYS J 13 -23.06 10.38 -1.50
C LYS J 13 -22.45 11.06 -0.29
N GLY J 14 -23.04 10.84 0.90
CA GLY J 14 -22.50 11.33 2.14
C GLY J 14 -21.11 10.79 2.41
N LEU J 15 -20.91 9.49 2.16
CA LEU J 15 -19.59 8.89 2.30
C LEU J 15 -18.57 9.49 1.35
N LYS J 16 -18.99 9.77 0.12
CA LYS J 16 -18.10 10.47 -0.84
C LYS J 16 -17.73 11.86 -0.37
N GLU J 17 -18.67 12.58 0.25
CA GLU J 17 -18.37 13.89 0.82
CA GLU J 17 -18.37 13.89 0.82
C GLU J 17 -17.34 13.76 1.95
N ILE J 18 -17.48 12.73 2.77
CA ILE J 18 -16.50 12.43 3.83
C ILE J 18 -15.12 12.21 3.21
N ALA J 19 -15.06 11.44 2.13
CA ALA J 19 -13.81 11.20 1.42
C ALA J 19 -13.17 12.52 0.97
N TRP J 20 -13.99 13.44 0.43
CA TRP J 20 -13.49 14.75 0.01
C TRP J 20 -12.96 15.55 1.20
N GLY J 21 -13.63 15.45 2.36
CA GLY J 21 -13.13 16.07 3.56
C GLY J 21 -11.76 15.55 3.97
N LEU J 22 -11.57 14.24 3.86
CA LEU J 22 -10.27 13.64 4.14
C LEU J 22 -9.19 14.17 3.16
N LYS J 23 -9.56 14.28 1.89
CA LYS J 23 -8.63 14.85 0.91
C LYS J 23 -8.27 16.30 1.26
N GLU J 24 -9.23 17.08 1.77
CA GLU J 24 -8.94 18.43 2.21
C GLU J 24 -7.98 18.46 3.40
N ILE J 25 -8.15 17.51 4.33
CA ILE J 25 -7.23 17.36 5.44
C ILE J 25 -5.80 17.07 4.89
N ALA J 26 -5.72 16.16 3.90
CA ALA J 26 -4.44 15.85 3.31
C ALA J 26 -3.75 17.10 2.73
N GLN J 27 -4.54 17.93 2.06
CA GLN J 27 -4.05 19.20 1.46
C GLN J 27 -3.59 20.15 2.54
N GLY J 28 -4.31 20.19 3.67
CA GLY J 28 -3.96 20.99 4.82
C GLY J 28 -2.64 20.59 5.45
N LEU J 29 -2.37 19.27 5.49
CA LEU J 29 -1.08 18.76 5.97
C LEU J 29 0.05 19.11 4.99
N LYS J 30 -0.24 19.01 3.69
CA LYS J 30 0.74 19.23 2.64
C LYS J 30 1.22 20.68 2.56
N GLY J 31 0.41 21.62 3.04
CA GLY J 31 0.77 23.02 3.12
C GLY J 31 -0.48 23.75 3.53
C ACE K 1 -42.55 8.94 2.32
O ACE K 1 -43.30 9.20 3.22
CH3 ACE K 1 -42.37 9.87 1.13
N GLY K 2 -41.83 7.83 2.27
CA GLY K 2 -41.91 6.87 3.34
C GLY K 2 -40.99 7.20 4.50
N GLU K 3 -41.38 6.75 5.68
CA GLU K 3 -40.66 7.18 6.89
C GLU K 3 -39.32 6.47 7.07
N ILE K 4 -39.22 5.20 6.65
CA ILE K 4 -37.91 4.52 6.70
C ILE K 4 -36.95 5.17 5.72
N ALA K 5 -37.42 5.44 4.50
CA ALA K 5 -36.60 6.13 3.52
C ALA K 5 -36.15 7.48 4.07
N GLN K 6 -37.05 8.20 4.75
CA GLN K 6 -36.69 9.48 5.32
C GLN K 6 -35.61 9.35 6.39
N GLY K 7 -35.71 8.29 7.21
CA GLY K 7 -34.69 8.00 8.19
C GLY K 7 -33.31 7.81 7.54
N LEU K 8 -33.27 7.06 6.43
CA LEU K 8 -32.03 6.88 5.70
C LEU K 8 -31.49 8.20 5.15
N LYS K 9 -32.39 9.04 4.63
CA LYS K 9 -32.01 10.36 4.13
C LYS K 9 -31.47 11.27 5.24
N GLU K 10 -32.02 11.16 6.44
CA GLU K 10 -31.49 11.92 7.58
C GLU K 10 -30.09 11.44 7.96
N ILE K 11 -29.89 10.12 7.91
CA ILE K 11 -28.56 9.55 8.14
C ILE K 11 -27.55 10.14 7.11
N ALA K 12 -27.96 10.20 5.85
CA ALA K 12 -27.12 10.76 4.81
C ALA K 12 -26.76 12.22 5.14
N LYS K 13 -27.75 13.00 5.60
CA LYS K 13 -27.48 14.38 6.00
C LYS K 13 -26.48 14.47 7.15
N GLY K 14 -26.58 13.54 8.11
CA GLY K 14 -25.62 13.44 9.19
C GLY K 14 -24.20 13.21 8.68
N LEU K 15 -24.07 12.32 7.70
CA LEU K 15 -22.77 12.05 7.09
C LEU K 15 -22.21 13.29 6.39
N LYS K 16 -23.08 14.05 5.72
CA LYS K 16 -22.65 15.31 5.11
C LYS K 16 -22.17 16.32 6.15
N GLU K 17 -22.83 16.37 7.30
CA GLU K 17 -22.40 17.25 8.38
C GLU K 17 -21.02 16.83 8.89
N ILE K 18 -20.79 15.51 8.99
CA ILE K 18 -19.47 14.98 9.37
C ILE K 18 -18.42 15.45 8.35
N ALA K 19 -18.74 15.37 7.06
CA ALA K 19 -17.83 15.86 6.03
C ALA K 19 -17.47 17.33 6.25
N TRP K 20 -18.46 18.16 6.57
CA TRP K 20 -18.21 19.57 6.86
C TRP K 20 -17.29 19.76 8.08
N GLY K 21 -17.48 18.92 9.10
CA GLY K 21 -16.59 18.92 10.23
C GLY K 21 -15.14 18.62 9.85
N LEU K 22 -14.96 17.64 8.96
CA LEU K 22 -13.63 17.31 8.45
C LEU K 22 -13.02 18.49 7.68
N LYS K 23 -13.84 19.16 6.88
CA LYS K 23 -13.36 20.36 6.17
C LYS K 23 -12.90 21.45 7.14
N GLU K 24 -13.62 21.61 8.27
CA GLU K 24 -13.21 22.56 9.28
C GLU K 24 -11.85 22.17 9.92
N ILE K 25 -11.68 20.86 10.15
CA ILE K 25 -10.40 20.36 10.64
C ILE K 25 -9.29 20.67 9.64
N ALA K 26 -9.55 20.46 8.36
CA ALA K 26 -8.56 20.76 7.31
C ALA K 26 -8.13 22.21 7.37
N GLN K 27 -9.11 23.12 7.56
CA GLN K 27 -8.80 24.56 7.64
C GLN K 27 -7.94 24.85 8.89
N GLY K 28 -8.26 24.16 10.00
CA GLY K 28 -7.50 24.27 11.21
C GLY K 28 -6.05 23.81 11.11
N LEU K 29 -5.82 22.76 10.33
CA LEU K 29 -4.47 22.25 10.03
C LEU K 29 -3.71 23.21 9.15
N LYS K 30 -4.42 23.79 8.15
CA LYS K 30 -3.80 24.68 7.17
C LYS K 30 -3.32 25.99 7.78
N GLY K 31 -3.90 26.39 8.92
CA GLY K 31 -3.46 27.56 9.66
C GLY K 31 -3.19 27.31 11.17
C ACE L 1 -44.03 6.64 13.75
O ACE L 1 -44.39 6.22 14.83
CH3 ACE L 1 -44.24 8.06 13.26
N GLY L 2 -43.37 5.88 12.88
CA GLY L 2 -43.05 4.50 13.22
C GLY L 2 -41.76 4.40 14.02
N GLU L 3 -41.66 3.34 14.82
CA GLU L 3 -40.58 3.23 15.78
C GLU L 3 -39.23 2.88 15.13
N ILE L 4 -39.24 2.05 14.06
CA ILE L 4 -38.00 1.78 13.36
C ILE L 4 -37.46 3.05 12.68
N ALA L 5 -38.36 3.77 12.01
CA ALA L 5 -38.00 5.04 11.42
C ALA L 5 -37.44 5.99 12.46
N GLN L 6 -38.05 6.02 13.65
CA GLN L 6 -37.58 6.88 14.72
C GLN L 6 -36.17 6.49 15.16
N GLY L 7 -35.90 5.18 15.24
CA GLY L 7 -34.57 4.69 15.55
C GLY L 7 -33.53 5.20 14.54
N LEU L 8 -33.87 5.14 13.26
CA LEU L 8 -32.99 5.66 12.22
C LEU L 8 -32.74 7.17 12.38
N LYS L 9 -33.81 7.91 12.71
CA LYS L 9 -33.69 9.33 12.94
C LYS L 9 -32.82 9.66 14.15
N GLU L 10 -32.88 8.83 15.20
CA GLU L 10 -32.00 9.02 16.35
C GLU L 10 -30.53 8.75 15.96
N ILE L 11 -30.31 7.73 15.13
CA ILE L 11 -28.97 7.47 14.62
C ILE L 11 -28.45 8.71 13.86
N ALA L 12 -29.29 9.30 13.01
CA ALA L 12 -28.92 10.51 12.29
C ALA L 12 -28.53 11.62 13.24
N LYS L 13 -29.30 11.81 14.32
CA LYS L 13 -28.96 12.83 15.32
C LYS L 13 -27.61 12.55 15.98
N GLY L 14 -27.31 11.28 16.23
CA GLY L 14 -26.01 10.87 16.75
C GLY L 14 -24.88 11.25 15.81
N LEU L 15 -25.08 11.03 14.52
CA LEU L 15 -24.09 11.43 13.51
C LEU L 15 -23.87 12.94 13.50
N LYS L 16 -24.96 13.71 13.64
CA LYS L 16 -24.83 15.16 13.74
C LYS L 16 -24.05 15.60 14.97
N GLU L 17 -24.23 14.90 16.09
CA GLU L 17 -23.46 15.18 17.30
C GLU L 17 -21.95 14.91 17.05
N ILE L 18 -21.66 13.82 16.33
CA ILE L 18 -20.30 13.50 15.95
C ILE L 18 -19.70 14.63 15.10
N ALA L 19 -20.48 15.13 14.15
CA ALA L 19 -20.05 16.26 13.33
C ALA L 19 -19.68 17.45 14.18
N TRP L 20 -20.51 17.76 15.19
CA TRP L 20 -20.21 18.86 16.10
C TRP L 20 -18.95 18.62 16.88
N GLY L 21 -18.69 17.38 17.30
CA GLY L 21 -17.45 17.03 17.95
C GLY L 21 -16.24 17.30 17.06
N LEU L 22 -16.35 16.96 15.78
CA LEU L 22 -15.29 17.25 14.82
C LEU L 22 -15.04 18.77 14.68
N LYS L 23 -16.15 19.53 14.64
CA LYS L 23 -16.02 20.98 14.61
C LYS L 23 -15.34 21.53 15.84
N GLU L 24 -15.60 20.95 17.01
CA GLU L 24 -14.91 21.34 18.23
C GLU L 24 -13.42 21.05 18.16
N ILE L 25 -13.06 19.91 17.58
CA ILE L 25 -11.66 19.58 17.35
C ILE L 25 -11.02 20.66 16.44
N ALA L 26 -11.73 21.03 15.37
CA ALA L 26 -11.23 22.05 14.46
C ALA L 26 -10.95 23.37 15.21
N GLN L 27 -11.86 23.75 16.10
CA GLN L 27 -11.73 24.98 16.90
C GLN L 27 -10.52 24.87 17.83
N GLY L 28 -10.31 23.69 18.39
CA GLY L 28 -9.17 23.40 19.24
C GLY L 28 -7.83 23.52 18.53
N LEU L 29 -7.79 23.10 17.26
CA LEU L 29 -6.61 23.24 16.41
C LEU L 29 -6.38 24.73 16.07
N LYS L 30 -7.46 25.45 15.80
CA LYS L 30 -7.41 26.86 15.39
C LYS L 30 -6.90 27.80 16.49
N GLY L 31 -7.05 27.39 17.74
CA GLY L 31 -6.58 28.13 18.91
C GLY L 31 -7.67 28.21 20.02
C ACE M 1 -41.16 -1.49 21.64
O ACE M 1 -41.12 -2.47 22.35
CH3 ACE M 1 -41.63 -0.14 22.15
N GLY M 2 -40.78 -1.51 20.36
CA GLY M 2 -40.27 -2.73 19.77
C GLY M 2 -38.79 -2.93 20.04
N GLU M 3 -38.36 -4.19 20.07
CA GLU M 3 -37.00 -4.50 20.46
C GLU M 3 -35.96 -4.14 19.37
N ILE M 4 -36.32 -4.30 18.09
CA ILE M 4 -35.41 -3.88 17.02
C ILE M 4 -35.23 -2.35 17.05
N ALA M 5 -36.34 -1.63 17.18
CA ALA M 5 -36.28 -0.19 17.31
C ALA M 5 -35.43 0.22 18.50
N GLN M 6 -35.57 -0.50 19.61
CA GLN M 6 -34.77 -0.20 20.80
C GLN M 6 -33.28 -0.42 20.53
N GLY M 7 -32.94 -1.48 19.79
CA GLY M 7 -31.57 -1.71 19.38
C GLY M 7 -31.00 -0.54 18.57
N LEU M 8 -31.79 -0.02 17.64
CA LEU M 8 -31.38 1.15 16.85
C LEU M 8 -31.16 2.38 17.75
N LYS M 9 -32.06 2.57 18.73
CA LYS M 9 -31.93 3.66 19.68
C LYS M 9 -30.67 3.52 20.55
N GLU M 10 -30.30 2.30 20.91
CA GLU M 10 -29.08 2.06 21.65
C GLU M 10 -27.84 2.39 20.80
N ILE M 11 -27.90 2.01 19.51
CA ILE M 11 -26.85 2.38 18.57
C ILE M 11 -26.68 3.91 18.52
N ALA M 12 -27.80 4.64 18.44
CA ALA M 12 -27.75 6.09 18.45
C ALA M 12 -27.07 6.62 19.71
N LYS M 13 -27.40 6.04 20.87
CA LYS M 13 -26.74 6.45 22.12
C LYS M 13 -25.23 6.20 22.09
N GLY M 14 -24.81 5.09 21.48
CA GLY M 14 -23.41 4.78 21.29
C GLY M 14 -22.72 5.86 20.46
N LEU M 15 -23.38 6.30 19.38
CA LEU M 15 -22.84 7.36 18.55
C LEU M 15 -22.70 8.68 19.33
N LYS M 16 -23.68 8.98 20.18
CA LYS M 16 -23.58 10.15 21.04
C LYS M 16 -22.40 10.07 22.02
N GLU M 17 -22.13 8.87 22.54
CA GLU M 17 -20.98 8.68 23.41
C GLU M 17 -19.67 8.94 22.64
N ILE M 18 -19.62 8.47 21.38
CA ILE M 18 -18.48 8.74 20.51
C ILE M 18 -18.30 10.25 20.34
N ALA M 19 -19.40 10.97 20.11
CA ALA M 19 -19.34 12.42 19.99
C ALA M 19 -18.73 13.06 21.24
N TRP M 20 -19.13 12.59 22.43
CA TRP M 20 -18.55 13.08 23.67
C TRP M 20 -17.06 12.81 23.77
N GLY M 21 -16.63 11.64 23.29
CA GLY M 21 -15.22 11.32 23.22
C GLY M 21 -14.45 12.31 22.34
N LEU M 22 -15.04 12.66 21.19
CA LEU M 22 -14.43 13.64 20.31
C LEU M 22 -14.34 15.02 20.98
N LYS M 23 -15.38 15.40 21.71
CA LYS M 23 -15.35 16.65 22.48
C LYS M 23 -14.23 16.65 23.52
N GLU M 24 -13.99 15.52 24.17
CA GLU M 24 -12.90 15.41 25.12
C GLU M 24 -11.53 15.58 24.42
N ILE M 25 -11.41 14.98 23.22
CA ILE M 25 -10.20 15.17 22.44
C ILE M 25 -10.01 16.67 22.10
N ALA M 26 -11.09 17.33 21.72
CA ALA M 26 -11.03 18.77 21.38
C ALA M 26 -10.51 19.56 22.58
N GLN M 27 -10.98 19.22 23.78
CA GLN M 27 -10.55 19.92 25.02
C GLN M 27 -9.08 19.65 25.27
N GLY M 28 -8.63 18.42 25.00
CA GLY M 28 -7.24 18.05 25.13
C GLY M 28 -6.31 18.80 24.20
N LEU M 29 -6.77 19.05 22.96
CA LEU M 29 -6.03 19.86 21.99
C LEU M 29 -5.98 21.31 22.40
N LYS M 30 -7.10 21.83 22.94
CA LYS M 30 -7.23 23.23 23.33
C LYS M 30 -6.33 23.62 24.50
N GLY M 31 -5.96 22.64 25.33
CA GLY M 31 -5.04 22.84 26.43
C GLY M 31 -3.91 21.83 26.54
C ACE N 1 -35.14 -11.52 22.68
O ACE N 1 -34.78 -12.66 22.68
CH3 ACE N 1 -35.49 -10.77 23.95
N GLY N 2 -35.30 -10.82 21.57
CA GLY N 2 -35.03 -11.39 20.28
C GLY N 2 -33.54 -11.31 19.92
N GLU N 3 -33.10 -12.27 19.09
CA GLU N 3 -31.69 -12.38 18.80
C GLU N 3 -31.17 -11.29 17.86
N ILE N 4 -32.00 -10.85 16.88
CA ILE N 4 -31.58 -9.73 16.04
C ILE N 4 -31.42 -8.46 16.86
N ALA N 5 -32.41 -8.18 17.71
CA ALA N 5 -32.35 -7.03 18.60
C ALA N 5 -31.10 -7.12 19.47
N GLN N 6 -30.79 -8.32 19.98
CA GLN N 6 -29.61 -8.49 20.81
C GLN N 6 -28.32 -8.18 20.03
N GLY N 7 -28.27 -8.60 18.75
CA GLY N 7 -27.16 -8.27 17.91
C GLY N 7 -26.96 -6.75 17.77
N LEU N 8 -28.07 -6.02 17.59
CA LEU N 8 -28.01 -4.58 17.52
C LEU N 8 -27.51 -3.95 18.84
N LYS N 9 -27.96 -4.51 19.96
CA LYS N 9 -27.51 -4.06 21.27
C LYS N 9 -26.03 -4.32 21.49
N GLU N 10 -25.50 -5.44 20.97
CA GLU N 10 -24.07 -5.71 21.04
C GLU N 10 -23.28 -4.70 20.19
N ILE N 11 -23.81 -4.37 19.01
CA ILE N 11 -23.20 -3.34 18.19
C ILE N 11 -23.12 -2.00 18.97
N ALA N 12 -24.20 -1.64 19.64
CA ALA N 12 -24.22 -0.43 20.45
C ALA N 12 -23.12 -0.46 21.52
N LYS N 13 -22.97 -1.62 22.19
CA LYS N 13 -21.91 -1.76 23.19
C LYS N 13 -20.50 -1.58 22.57
N GLY N 14 -20.31 -2.09 21.36
CA GLY N 14 -19.08 -1.91 20.62
C GLY N 14 -18.78 -0.41 20.38
N LEU N 15 -19.83 0.34 20.00
CA LEU N 15 -19.69 1.77 19.80
C LEU N 15 -19.31 2.50 21.10
N LYS N 16 -19.90 2.08 22.22
CA LYS N 16 -19.52 2.62 23.52
C LYS N 16 -18.06 2.34 23.87
N GLU N 17 -17.57 1.15 23.51
CA GLU N 17 -16.16 0.82 23.72
CA GLU N 17 -16.16 0.82 23.72
C GLU N 17 -15.26 1.74 22.89
N ILE N 18 -15.68 2.02 21.66
CA ILE N 18 -14.96 2.96 20.79
C ILE N 18 -14.90 4.34 21.47
N ALA N 19 -16.03 4.79 22.02
CA ALA N 19 -16.07 6.04 22.74
C ALA N 19 -15.04 6.07 23.88
N TRP N 20 -14.95 4.97 24.65
CA TRP N 20 -13.97 4.88 25.72
C TRP N 20 -12.54 4.97 25.19
N GLY N 21 -12.29 4.33 24.04
CA GLY N 21 -11.00 4.44 23.40
C GLY N 21 -10.65 5.90 23.04
N LEU N 22 -11.63 6.65 22.54
CA LEU N 22 -11.44 8.06 22.26
C LEU N 22 -11.13 8.87 23.52
N LYS N 23 -11.83 8.56 24.61
CA LYS N 23 -11.54 9.19 25.88
C LYS N 23 -10.08 8.91 26.35
N GLU N 24 -9.61 7.68 26.12
CA GLU N 24 -8.23 7.36 26.44
C GLU N 24 -7.24 8.16 25.59
N ILE N 25 -7.56 8.33 24.30
CA ILE N 25 -6.76 9.17 23.44
C ILE N 25 -6.72 10.61 23.98
N ALA N 26 -7.87 11.13 24.41
CA ALA N 26 -7.94 12.48 24.96
C ALA N 26 -6.99 12.61 26.15
N GLN N 27 -6.98 11.60 27.03
CA GLN N 27 -6.11 11.60 28.22
C GLN N 27 -4.63 11.57 27.79
N GLY N 28 -4.33 10.80 26.74
CA GLY N 28 -3.00 10.71 26.18
C GLY N 28 -2.49 12.01 25.60
N LEU N 29 -3.38 12.79 24.98
CA LEU N 29 -3.06 14.11 24.45
C LEU N 29 -2.83 15.10 25.61
N LYS N 30 -3.71 15.04 26.63
CA LYS N 30 -3.66 15.95 27.79
C LYS N 30 -2.37 15.76 28.56
C ACE O 1 -28.93 -18.94 15.91
O ACE O 1 -28.56 -19.77 15.15
CH3 ACE O 1 -28.92 -19.16 17.41
N GLY O 2 -29.48 -17.82 15.51
CA GLY O 2 -29.67 -17.53 14.11
C GLY O 2 -28.45 -16.95 13.46
N GLU O 3 -28.30 -17.20 12.15
CA GLU O 3 -27.09 -16.81 11.46
C GLU O 3 -27.01 -15.30 11.20
N ILE O 4 -28.16 -14.63 10.93
CA ILE O 4 -28.11 -13.18 10.80
C ILE O 4 -27.73 -12.51 12.13
N ALA O 5 -28.34 -12.96 13.20
CA ALA O 5 -28.00 -12.47 14.52
C ALA O 5 -26.51 -12.69 14.80
N GLN O 6 -25.98 -13.86 14.41
CA GLN O 6 -24.58 -14.14 14.63
C GLN O 6 -23.68 -13.16 13.84
N GLY O 7 -24.10 -12.86 12.61
CA GLY O 7 -23.40 -11.86 11.81
C GLY O 7 -23.32 -10.52 12.50
N LEU O 8 -24.45 -10.08 13.08
CA LEU O 8 -24.47 -8.82 13.83
C LEU O 8 -23.53 -8.87 15.04
N LYS O 9 -23.53 -10.01 15.74
CA LYS O 9 -22.63 -10.19 16.87
C LYS O 9 -21.16 -10.17 16.47
N GLU O 10 -20.84 -10.71 15.29
CA GLU O 10 -19.47 -10.64 14.78
C GLU O 10 -19.08 -9.19 14.44
N ILE O 11 -20.03 -8.44 13.87
CA ILE O 11 -19.81 -7.02 13.62
C ILE O 11 -19.49 -6.28 14.94
N ALA O 12 -20.25 -6.58 15.99
CA ALA O 12 -20.02 -5.98 17.30
C ALA O 12 -18.60 -6.31 17.79
N LYS O 13 -18.15 -7.56 17.62
CA LYS O 13 -16.80 -7.94 18.00
C LYS O 13 -15.74 -7.15 17.22
N GLY O 14 -16.01 -6.91 15.93
CA GLY O 14 -15.13 -6.09 15.10
C GLY O 14 -15.02 -4.66 15.64
N LEU O 15 -16.15 -4.09 16.07
CA LEU O 15 -16.15 -2.76 16.66
C LEU O 15 -15.33 -2.73 17.96
N LYS O 16 -15.43 -3.79 18.78
CA LYS O 16 -14.61 -3.89 19.97
C LYS O 16 -13.13 -3.97 19.66
N GLU O 17 -12.76 -4.67 18.59
CA GLU O 17 -11.36 -4.73 18.15
C GLU O 17 -10.88 -3.33 17.74
N ILE O 18 -11.74 -2.58 17.05
CA ILE O 18 -11.43 -1.18 16.69
C ILE O 18 -11.16 -0.37 17.96
N ALA O 19 -12.01 -0.53 18.98
CA ALA O 19 -11.82 0.14 20.25
C ALA O 19 -10.44 -0.18 20.85
N TRP O 20 -10.05 -1.46 20.81
CA TRP O 20 -8.74 -1.85 21.30
C TRP O 20 -7.61 -1.19 20.50
N GLY O 21 -7.78 -1.05 19.18
CA GLY O 21 -6.84 -0.34 18.37
C GLY O 21 -6.68 1.11 18.79
N LEU O 22 -7.80 1.77 19.10
CA LEU O 22 -7.76 3.13 19.61
C LEU O 22 -7.02 3.24 20.94
N LYS O 23 -7.27 2.27 21.82
CA LYS O 23 -6.53 2.20 23.08
C LYS O 23 -5.03 2.06 22.88
N GLU O 24 -4.62 1.25 21.88
CA GLU O 24 -3.22 1.12 21.56
C GLU O 24 -2.62 2.44 21.06
N ILE O 25 -3.39 3.17 20.23
CA ILE O 25 -2.98 4.48 19.79
C ILE O 25 -2.78 5.41 21.00
N ALA O 26 -3.71 5.38 21.94
CA ALA O 26 -3.62 6.21 23.14
C ALA O 26 -2.31 5.92 23.89
N GLN O 27 -1.96 4.64 24.01
CA GLN O 27 -0.72 4.24 24.69
C GLN O 27 0.50 4.73 23.95
N GLY O 28 0.43 4.69 22.61
CA GLY O 28 1.48 5.19 21.74
C GLY O 28 1.71 6.67 21.86
N LEU O 29 0.63 7.45 22.04
CA LEU O 29 0.72 8.89 22.28
C LEU O 29 1.32 9.17 23.67
N LYS O 30 0.86 8.42 24.69
CA LYS O 30 1.29 8.59 26.08
C LYS O 30 2.78 8.31 26.21
C ACE P 1 -25.36 -20.10 4.90
O ACE P 1 -25.27 -20.35 3.74
CH3 ACE P 1 -24.64 -20.90 5.98
N GLY P 2 -26.07 -19.08 5.36
CA GLY P 2 -26.77 -18.21 4.46
C GLY P 2 -25.89 -17.11 3.89
N GLU P 3 -26.24 -16.64 2.70
CA GLU P 3 -25.38 -15.70 2.01
C GLU P 3 -25.44 -14.27 2.60
N ILE P 4 -26.62 -13.85 3.07
CA ILE P 4 -26.70 -12.54 3.74
C ILE P 4 -25.88 -12.55 5.04
N ALA P 5 -26.05 -13.62 5.83
CA ALA P 5 -25.27 -13.78 7.04
C ALA P 5 -23.78 -13.76 6.72
N GLN P 6 -23.39 -14.43 5.64
CA GLN P 6 -21.98 -14.45 5.24
C GLN P 6 -21.47 -13.05 4.89
N GLY P 7 -22.31 -12.26 4.21
CA GLY P 7 -21.99 -10.88 3.93
C GLY P 7 -21.72 -10.07 5.21
N LEU P 8 -22.57 -10.27 6.23
CA LEU P 8 -22.37 -9.60 7.50
C LEU P 8 -21.06 -10.04 8.17
N LYS P 9 -20.76 -11.35 8.08
CA LYS P 9 -19.50 -11.87 8.61
C LYS P 9 -18.29 -11.32 7.90
N GLU P 10 -18.39 -11.09 6.59
CA GLU P 10 -17.30 -10.46 5.84
C GLU P 10 -17.11 -9.01 6.28
N ILE P 11 -18.23 -8.30 6.52
CA ILE P 11 -18.16 -6.94 7.05
C ILE P 11 -17.41 -6.95 8.40
N ALA P 12 -17.74 -7.90 9.28
CA ALA P 12 -17.05 -8.02 10.54
C ALA P 12 -15.55 -8.20 10.35
N LYS P 13 -15.16 -9.07 9.40
CA LYS P 13 -13.74 -9.26 9.09
C LYS P 13 -13.07 -7.97 8.62
N GLY P 14 -13.79 -7.17 7.82
CA GLY P 14 -13.32 -5.87 7.37
C GLY P 14 -13.06 -4.94 8.54
N LEU P 15 -13.98 -4.94 9.52
CA LEU P 15 -13.80 -4.14 10.72
C LEU P 15 -12.56 -4.57 11.51
N LYS P 16 -12.33 -5.88 11.60
CA LYS P 16 -11.13 -6.39 12.24
C LYS P 16 -9.87 -5.97 11.52
N GLU P 17 -9.90 -5.91 10.19
CA GLU P 17 -8.75 -5.41 9.42
CA GLU P 17 -8.75 -5.41 9.42
C GLU P 17 -8.49 -3.94 9.74
N ILE P 18 -9.57 -3.16 9.86
CA ILE P 18 -9.46 -1.75 10.27
C ILE P 18 -8.77 -1.66 11.64
N ALA P 19 -9.20 -2.51 12.58
CA ALA P 19 -8.58 -2.56 13.90
C ALA P 19 -7.07 -2.82 13.79
N TRP P 20 -6.68 -3.75 12.94
CA TRP P 20 -5.25 -4.04 12.72
C TRP P 20 -4.53 -2.83 12.14
N GLY P 21 -5.17 -2.09 11.25
CA GLY P 21 -4.61 -0.85 10.74
C GLY P 21 -4.36 0.16 11.86
N LEU P 22 -5.29 0.28 12.78
CA LEU P 22 -5.12 1.14 13.96
C LEU P 22 -3.94 0.70 14.82
N LYS P 23 -3.81 -0.61 15.02
CA LYS P 23 -2.66 -1.15 15.74
C LYS P 23 -1.34 -0.81 15.05
N GLU P 24 -1.32 -0.85 13.71
CA GLU P 24 -0.15 -0.45 12.96
C GLU P 24 0.18 1.04 13.15
N ILE P 25 -0.85 1.88 13.19
CA ILE P 25 -0.68 3.28 13.49
C ILE P 25 -0.06 3.46 14.87
N ALA P 26 -0.57 2.71 15.85
CA ALA P 26 -0.04 2.78 17.22
C ALA P 26 1.46 2.47 17.23
N GLN P 27 1.85 1.43 16.48
CA GLN P 27 3.27 1.03 16.39
C GLN P 27 4.10 2.12 15.74
N GLY P 28 3.54 2.77 14.72
CA GLY P 28 4.16 3.88 14.02
C GLY P 28 4.40 5.09 14.90
N LEU P 29 3.46 5.37 15.81
CA LEU P 29 3.62 6.44 16.80
C LEU P 29 4.68 6.08 17.82
N LYS P 30 4.71 4.82 18.24
CA LYS P 30 5.63 4.32 19.28
C LYS P 30 7.09 4.36 18.84
N GLY P 31 7.33 4.30 17.53
CA GLY P 31 8.66 4.41 16.96
C GLY P 31 8.82 5.38 15.81
C ACE Q 1 -26.03 -14.58 -5.45
O ACE Q 1 -26.37 -14.16 -6.53
CH3 ACE Q 1 -24.98 -15.68 -5.31
N GLY Q 2 -26.54 -14.17 -4.32
CA GLY Q 2 -27.60 -13.18 -4.31
C GLY Q 2 -27.05 -11.76 -4.36
N GLU Q 3 -27.83 -10.83 -4.91
CA GLU Q 3 -27.32 -9.51 -5.16
C GLU Q 3 -27.20 -8.64 -3.89
N ILE Q 4 -28.14 -8.80 -2.94
CA ILE Q 4 -28.01 -8.10 -1.67
C ILE Q 4 -26.76 -8.59 -0.91
N ALA Q 5 -26.60 -9.91 -0.84
CA ALA Q 5 -25.42 -10.47 -0.21
C ALA Q 5 -24.15 -9.94 -0.88
N GLN Q 6 -24.17 -9.85 -2.22
CA GLN Q 6 -23.01 -9.34 -2.93
C GLN Q 6 -22.71 -7.88 -2.56
N GLY Q 7 -23.77 -7.07 -2.41
CA GLY Q 7 -23.62 -5.72 -1.97
C GLY Q 7 -22.91 -5.64 -0.60
N LEU Q 8 -23.32 -6.50 0.34
CA LEU Q 8 -22.68 -6.55 1.64
C LEU Q 8 -21.19 -6.94 1.52
N LYS Q 9 -20.91 -7.91 0.64
CA LYS Q 9 -19.53 -8.33 0.39
C LYS Q 9 -18.69 -7.21 -0.22
N GLU Q 10 -19.28 -6.39 -1.09
CA GLU Q 10 -18.57 -5.23 -1.64
C GLU Q 10 -18.28 -4.20 -0.55
N ILE Q 11 -19.24 -3.98 0.37
CA ILE Q 11 -19.01 -3.12 1.51
C ILE Q 11 -17.80 -3.63 2.34
N ALA Q 12 -17.75 -4.94 2.58
CA ALA Q 12 -16.62 -5.53 3.29
C ALA Q 12 -15.29 -5.23 2.57
N LYS Q 13 -15.28 -5.37 1.24
CA LYS Q 13 -14.08 -5.04 0.46
C LYS Q 13 -13.68 -3.55 0.63
N GLY Q 14 -14.66 -2.67 0.68
CA GLY Q 14 -14.44 -1.26 0.94
C GLY Q 14 -13.76 -1.04 2.30
N LEU Q 15 -14.23 -1.76 3.31
CA LEU Q 15 -13.63 -1.69 4.64
C LEU Q 15 -12.16 -2.17 4.63
N LYS Q 16 -11.88 -3.24 3.86
CA LYS Q 16 -10.51 -3.68 3.69
C LYS Q 16 -9.62 -2.63 3.03
N GLU Q 17 -10.17 -1.90 2.04
CA GLU Q 17 -9.43 -0.82 1.41
C GLU Q 17 -9.10 0.29 2.47
N ILE Q 18 -10.08 0.58 3.33
CA ILE Q 18 -9.88 1.54 4.40
C ILE Q 18 -8.73 1.07 5.32
N ALA Q 19 -8.73 -0.21 5.66
CA ALA Q 19 -7.65 -0.78 6.45
C ALA Q 19 -6.28 -0.56 5.81
N TRP Q 20 -6.19 -0.77 4.48
CA TRP Q 20 -4.95 -0.51 3.76
C TRP Q 20 -4.54 0.97 3.84
N GLY Q 21 -5.53 1.87 3.75
CA GLY Q 21 -5.27 3.27 3.93
C GLY Q 21 -4.67 3.61 5.30
N LEU Q 22 -5.19 2.96 6.34
CA LEU Q 22 -4.65 3.13 7.67
C LEU Q 22 -3.20 2.62 7.78
N LYS Q 23 -2.93 1.49 7.13
CA LYS Q 23 -1.56 0.98 7.07
C LYS Q 23 -0.61 1.97 6.38
N GLU Q 24 -1.09 2.64 5.31
CA GLU Q 24 -0.29 3.63 4.65
C GLU Q 24 -0.01 4.84 5.57
N ILE Q 25 -1.02 5.24 6.35
CA ILE Q 25 -0.83 6.28 7.33
C ILE Q 25 0.24 5.87 8.35
N ALA Q 26 0.17 4.62 8.82
CA ALA Q 26 1.15 4.13 9.80
C ALA Q 26 2.57 4.26 9.23
N GLN Q 27 2.73 3.90 7.96
CA GLN Q 27 4.06 3.97 7.30
C GLN Q 27 4.51 5.42 7.18
N GLY Q 28 3.58 6.32 6.90
CA GLY Q 28 3.82 7.75 6.81
C GLY Q 28 4.26 8.36 8.11
N LEU Q 29 3.71 7.90 9.24
CA LEU Q 29 4.14 8.32 10.57
C LEU Q 29 5.54 7.79 10.87
N LYS Q 30 5.77 6.50 10.57
CA LYS Q 30 7.04 5.82 10.85
C LYS Q 30 8.20 6.47 10.09
C ACE R 1 -30.59 -4.91 -10.35
O ACE R 1 -31.28 -4.03 -10.87
CH3 ACE R 1 -29.53 -5.80 -11.06
N GLY R 2 -30.73 -5.25 -9.08
CA GLY R 2 -31.74 -4.63 -8.26
C GLY R 2 -31.25 -3.33 -7.63
N GLU R 3 -32.20 -2.46 -7.33
CA GLU R 3 -31.90 -1.12 -6.87
C GLU R 3 -31.36 -1.08 -5.44
N ILE R 4 -31.86 -1.93 -4.55
CA ILE R 4 -31.31 -1.98 -3.20
C ILE R 4 -29.86 -2.47 -3.24
N ALA R 5 -29.61 -3.55 -4.00
CA ALA R 5 -28.26 -4.04 -4.18
C ALA R 5 -27.36 -2.95 -4.74
N GLN R 6 -27.87 -2.19 -5.71
CA GLN R 6 -27.09 -1.11 -6.30
C GLN R 6 -26.74 -0.04 -5.26
N GLY R 7 -27.70 0.28 -4.39
CA GLY R 7 -27.44 1.21 -3.30
C GLY R 7 -26.30 0.73 -2.39
N LEU R 8 -26.31 -0.56 -2.06
CA LEU R 8 -25.22 -1.12 -1.26
C LEU R 8 -23.88 -1.03 -1.99
N LYS R 9 -23.88 -1.30 -3.30
CA LYS R 9 -22.67 -1.18 -4.11
C LYS R 9 -22.16 0.25 -4.16
N GLU R 10 -23.06 1.24 -4.20
CA GLU R 10 -22.65 2.64 -4.16
C GLU R 10 -22.02 2.99 -2.80
N ILE R 11 -22.61 2.46 -1.72
CA ILE R 11 -22.02 2.62 -0.41
C ILE R 11 -20.57 2.06 -0.37
N ALA R 12 -20.39 0.88 -0.95
CA ALA R 12 -19.06 0.29 -1.02
C ALA R 12 -18.09 1.20 -1.77
N LYS R 13 -18.55 1.79 -2.90
CA LYS R 13 -17.70 2.73 -3.63
C LYS R 13 -17.33 3.95 -2.80
N GLY R 14 -18.28 4.44 -1.98
CA GLY R 14 -18.01 5.53 -1.06
C GLY R 14 -16.91 5.17 -0.05
N LEU R 15 -16.97 3.95 0.47
CA LEU R 15 -15.94 3.47 1.38
C LEU R 15 -14.54 3.42 0.70
N LYS R 16 -14.52 2.99 -0.56
CA LYS R 16 -13.28 3.00 -1.32
C LYS R 16 -12.73 4.42 -1.53
N GLU R 17 -13.63 5.39 -1.75
CA GLU R 17 -13.22 6.78 -1.87
CA GLU R 17 -13.21 6.79 -1.86
C GLU R 17 -12.60 7.28 -0.55
N ILE R 18 -13.20 6.87 0.58
CA ILE R 18 -12.66 7.18 1.89
C ILE R 18 -11.24 6.62 2.02
N ALA R 19 -11.04 5.38 1.59
CA ALA R 19 -9.72 4.77 1.60
C ALA R 19 -8.70 5.60 0.80
N TRP R 20 -9.11 6.09 -0.37
CA TRP R 20 -8.25 6.95 -1.19
C TRP R 20 -7.89 8.27 -0.45
N GLY R 21 -8.88 8.83 0.27
CA GLY R 21 -8.63 9.97 1.10
C GLY R 21 -7.58 9.71 2.18
N LEU R 22 -7.66 8.54 2.80
CA LEU R 22 -6.66 8.14 3.80
C LEU R 22 -5.27 8.00 3.17
N LYS R 23 -5.19 7.44 1.97
CA LYS R 23 -3.93 7.36 1.26
C LYS R 23 -3.32 8.76 1.00
N GLU R 24 -4.19 9.73 0.66
CA GLU R 24 -3.74 11.08 0.48
C GLU R 24 -3.20 11.70 1.79
N ILE R 25 -3.87 11.40 2.90
CA ILE R 25 -3.41 11.81 4.21
C ILE R 25 -2.03 11.23 4.48
N ALA R 26 -1.84 9.94 4.17
CA ALA R 26 -0.55 9.27 4.38
C ALA R 26 0.55 10.03 3.63
N GLN R 27 0.26 10.43 2.37
CA GLN R 27 1.23 11.15 1.56
C GLN R 27 1.55 12.53 2.18
N GLY R 28 0.51 13.17 2.73
CA GLY R 28 0.65 14.43 3.42
C GLY R 28 1.51 14.37 4.67
N LEU R 29 1.41 13.27 5.41
CA LEU R 29 2.27 13.01 6.58
C LEU R 29 3.70 12.74 6.16
N LYS R 30 3.88 12.00 5.06
CA LYS R 30 5.20 11.60 4.57
C LYS R 30 6.03 12.78 4.08
N GLY R 31 5.35 13.87 3.66
CA GLY R 31 6.01 15.10 3.25
C GLY R 31 5.47 16.38 3.86
C ACE S 1 29.07 2.78 15.91
O ACE S 1 29.58 2.69 14.85
CH3 ACE S 1 28.21 3.98 16.28
N GLY S 2 29.25 1.91 16.87
CA GLY S 2 30.09 0.76 16.70
C GLY S 2 29.39 -0.40 16.02
N GLU S 3 30.16 -1.21 15.30
CA GLU S 3 29.56 -2.25 14.47
C GLU S 3 29.03 -3.43 15.27
N ILE S 4 29.71 -3.81 16.38
CA ILE S 4 29.18 -4.86 17.24
C ILE S 4 27.86 -4.43 17.88
N ALA S 5 27.85 -3.20 18.42
CA ALA S 5 26.63 -2.66 18.98
C ALA S 5 25.51 -2.64 17.94
N GLN S 6 25.85 -2.27 16.69
CA GLN S 6 24.86 -2.25 15.63
C GLN S 6 24.29 -3.66 15.37
N GLY S 7 25.17 -4.66 15.39
CA GLY S 7 24.74 -6.04 15.25
C GLY S 7 23.73 -6.43 16.33
N LEU S 8 24.00 -6.04 17.58
CA LEU S 8 23.07 -6.31 18.67
C LEU S 8 21.73 -5.61 18.45
N LYS S 9 21.78 -4.36 17.97
CA LYS S 9 20.57 -3.62 17.65
C LYS S 9 19.77 -4.25 16.53
N GLU S 10 20.44 -4.85 15.54
CA GLU S 10 19.75 -5.57 14.48
C GLU S 10 19.06 -6.83 15.03
N ILE S 11 19.75 -7.52 15.94
CA ILE S 11 19.16 -8.68 16.61
C ILE S 11 17.87 -8.24 17.36
N ALA S 12 17.92 -7.11 18.06
CA ALA S 12 16.76 -6.59 18.75
C ALA S 12 15.61 -6.34 17.77
N LYS S 13 15.91 -5.76 16.59
CA LYS S 13 14.89 -5.55 15.58
C LYS S 13 14.26 -6.87 15.10
N GLY S 14 15.09 -7.92 14.97
CA GLY S 14 14.63 -9.24 14.62
C GLY S 14 13.63 -9.77 15.69
N LEU S 15 13.96 -9.57 16.95
CA LEU S 15 13.08 -9.97 18.03
C LEU S 15 11.73 -9.21 17.99
N LYS S 16 11.78 -7.91 17.67
CA LYS S 16 10.55 -7.14 17.49
C LYS S 16 9.70 -7.67 16.35
N GLU S 17 10.33 -8.11 15.26
CA GLU S 17 9.60 -8.71 14.14
C GLU S 17 8.91 -10.01 14.59
N ILE S 18 9.62 -10.80 15.41
CA ILE S 18 9.05 -12.02 15.98
C ILE S 18 7.82 -11.67 16.82
N ALA S 19 7.92 -10.62 17.64
CA ALA S 19 6.79 -10.17 18.43
C ALA S 19 5.58 -9.84 17.55
N TRP S 20 5.82 -9.15 16.43
CA TRP S 20 4.76 -8.84 15.50
C TRP S 20 4.14 -10.08 14.88
N GLY S 21 4.95 -11.10 14.60
CA GLY S 21 4.46 -12.38 14.15
C GLY S 21 3.52 -13.03 15.16
N LEU S 22 3.89 -12.96 16.44
CA LEU S 22 3.03 -13.48 17.50
C LEU S 22 1.69 -12.72 17.57
N LYS S 23 1.76 -11.39 17.42
CA LYS S 23 0.54 -10.60 17.36
C LYS S 23 -0.35 -10.98 16.19
N GLU S 24 0.25 -11.30 15.04
CA GLU S 24 -0.53 -11.78 13.90
C GLU S 24 -1.19 -13.12 14.18
N ILE S 25 -0.49 -14.01 14.88
CA ILE S 25 -1.06 -15.28 15.31
C ILE S 25 -2.28 -15.00 16.22
N ALA S 26 -2.14 -14.05 17.16
CA ALA S 26 -3.24 -13.69 18.03
C ALA S 26 -4.48 -13.26 17.24
N GLN S 27 -4.24 -12.45 16.21
CA GLN S 27 -5.34 -11.93 15.34
C GLN S 27 -5.98 -13.12 14.58
N GLY S 28 -5.15 -14.07 14.15
CA GLY S 28 -5.60 -15.26 13.48
C GLY S 28 -6.47 -16.16 14.33
N LEU S 29 -6.15 -16.25 15.62
CA LEU S 29 -6.98 -16.97 16.59
C LEU S 29 -8.30 -16.25 16.84
N LYS S 30 -8.24 -14.92 16.92
CA LYS S 30 -9.40 -14.10 17.22
C LYS S 30 -10.46 -14.12 16.11
N GLY S 31 -10.05 -14.42 14.87
CA GLY S 31 -10.94 -14.56 13.75
C GLY S 31 -10.75 -15.81 12.91
C ACE T 1 26.57 4.48 27.18
O ACE T 1 26.83 5.11 26.21
CH3 ACE T 1 25.68 4.97 28.32
N GLY T 2 27.03 3.25 27.36
CA GLY T 2 27.82 2.58 26.35
C GLY T 2 26.96 1.94 25.28
N GLU T 3 27.51 1.84 24.07
CA GLU T 3 26.75 1.34 22.95
C GLU T 3 26.48 -0.17 22.98
N ILE T 4 27.44 -0.95 23.49
CA ILE T 4 27.18 -2.40 23.64
C ILE T 4 26.07 -2.63 24.67
N ALA T 5 26.17 -1.93 25.81
CA ALA T 5 25.13 -2.02 26.83
C ALA T 5 23.79 -1.62 26.23
N GLN T 6 23.76 -0.57 25.41
CA GLN T 6 22.52 -0.13 24.80
C GLN T 6 21.94 -1.21 23.88
N GLY T 7 22.81 -1.89 23.12
CA GLY T 7 22.40 -3.00 22.29
C GLY T 7 21.71 -4.10 23.11
N LEU T 8 22.31 -4.43 24.27
CA LEU T 8 21.69 -5.43 25.15
C LEU T 8 20.34 -4.97 25.67
N LYS T 9 20.23 -3.69 26.02
CA LYS T 9 18.96 -3.11 26.46
C LYS T 9 17.91 -3.13 25.37
N GLU T 10 18.30 -2.93 24.11
CA GLU T 10 17.36 -3.03 23.00
C GLU T 10 16.88 -4.48 22.83
N ILE T 11 17.79 -5.44 22.99
CA ILE T 11 17.43 -6.85 22.96
C ILE T 11 16.39 -7.14 24.05
N ALA T 12 16.60 -6.63 25.27
CA ALA T 12 15.66 -6.79 26.34
C ALA T 12 14.29 -6.25 25.96
N LYS T 13 14.25 -5.06 25.34
CA LYS T 13 12.98 -4.49 24.89
C LYS T 13 12.29 -5.39 23.86
N GLY T 14 13.06 -6.00 22.98
CA GLY T 14 12.54 -6.96 22.01
C GLY T 14 11.88 -8.14 22.71
N LEU T 15 12.54 -8.66 23.74
CA LEU T 15 11.97 -9.76 24.52
C LEU T 15 10.65 -9.35 25.21
N LYS T 16 10.59 -8.13 25.72
CA LYS T 16 9.35 -7.61 26.29
C LYS T 16 8.24 -7.51 25.27
N GLU T 17 8.57 -7.11 24.03
CA GLU T 17 7.58 -7.08 22.95
CA GLU T 17 7.58 -7.07 22.95
C GLU T 17 7.06 -8.49 22.66
N ILE T 18 7.96 -9.48 22.68
CA ILE T 18 7.57 -10.88 22.50
C ILE T 18 6.59 -11.29 23.61
N ALA T 19 6.89 -10.90 24.85
CA ALA T 19 6.00 -11.19 25.96
C ALA T 19 4.61 -10.61 25.71
N TRP T 20 4.54 -9.36 25.22
CA TRP T 20 3.26 -8.76 24.87
C TRP T 20 2.53 -9.49 23.78
N GLY T 21 3.26 -10.01 22.79
CA GLY T 21 2.69 -10.87 21.77
C GLY T 21 2.03 -12.11 22.36
N LEU T 22 2.72 -12.74 23.32
CA LEU T 22 2.15 -13.89 24.00
C LEU T 22 0.88 -13.53 24.77
N LYS T 23 0.90 -12.38 25.43
CA LYS T 23 -0.30 -11.89 26.11
C LYS T 23 -1.45 -11.67 25.17
N GLU T 24 -1.18 -11.17 23.96
CA GLU T 24 -2.21 -11.00 22.94
C GLU T 24 -2.78 -12.34 22.50
N ILE T 25 -1.92 -13.34 22.35
CA ILE T 25 -2.37 -14.71 22.06
C ILE T 25 -3.31 -15.19 23.17
N ALA T 26 -2.91 -14.96 24.43
CA ALA T 26 -3.75 -15.36 25.56
C ALA T 26 -5.14 -14.73 25.47
N GLN T 27 -5.19 -13.46 25.12
CA GLN T 27 -6.48 -12.71 24.98
C GLN T 27 -7.30 -13.30 23.84
N GLY T 28 -6.62 -13.69 22.76
CA GLY T 28 -7.25 -14.34 21.62
C GLY T 28 -7.87 -15.68 21.95
N LEU T 29 -7.21 -16.45 22.82
CA LEU T 29 -7.75 -17.72 23.32
C LEU T 29 -8.95 -17.48 24.24
N LYS T 30 -8.84 -16.46 25.09
CA LYS T 30 -9.88 -16.13 26.07
C LYS T 30 -11.19 -15.68 25.46
N GLY T 31 -11.14 -15.15 24.22
CA GLY T 31 -12.32 -14.77 23.48
C GLY T 31 -12.38 -15.28 22.04
C ACE U 1 27.15 -1.12 37.45
O ACE U 1 27.10 -0.01 37.02
CH3 ACE U 1 26.69 -1.44 38.85
N GLY U 2 27.63 -2.14 36.77
CA GLY U 2 28.15 -1.95 35.43
C GLY U 2 27.06 -2.01 34.39
N GLU U 3 27.27 -1.30 33.27
CA GLU U 3 26.22 -1.18 32.28
C GLU U 3 26.00 -2.46 31.46
N ILE U 4 27.05 -3.20 31.17
CA ILE U 4 26.87 -4.48 30.46
C ILE U 4 26.09 -5.47 31.37
N ALA U 5 26.49 -5.55 32.64
CA ALA U 5 25.78 -6.38 33.59
C ALA U 5 24.30 -5.96 33.67
N GLN U 6 24.05 -4.65 33.66
CA GLN U 6 22.68 -4.16 33.71
C GLN U 6 21.89 -4.59 32.47
N GLY U 7 22.53 -4.56 31.30
CA GLY U 7 21.91 -5.02 30.09
C GLY U 7 21.49 -6.50 30.19
N LEU U 8 22.38 -7.34 30.76
CA LEU U 8 22.07 -8.74 30.97
C LEU U 8 20.87 -8.91 31.93
N LYS U 9 20.85 -8.10 32.99
CA LYS U 9 19.75 -8.11 33.95
C LYS U 9 18.43 -7.68 33.31
N GLU U 10 18.46 -6.73 32.37
CA GLU U 10 17.26 -6.34 31.64
C GLU U 10 16.77 -7.47 30.73
N ILE U 11 17.71 -8.17 30.10
CA ILE U 11 17.37 -9.35 29.31
C ILE U 11 16.65 -10.39 30.19
N ALA U 12 17.18 -10.64 31.39
CA ALA U 12 16.55 -11.55 32.32
C ALA U 12 15.11 -11.11 32.64
N LYS U 13 14.91 -9.82 32.87
CA LYS U 13 13.56 -9.29 33.12
C LYS U 13 12.62 -9.53 31.93
N GLY U 14 13.15 -9.39 30.71
CA GLY U 14 12.40 -9.69 29.51
C GLY U 14 11.95 -11.17 29.48
N LEU U 15 12.86 -12.06 29.86
CA LEU U 15 12.53 -13.47 29.94
C LEU U 15 11.42 -13.75 30.98
N LYS U 16 11.49 -13.07 32.12
CA LYS U 16 10.45 -13.17 33.13
C LYS U 16 9.09 -12.70 32.62
N GLU U 17 9.09 -11.63 31.81
CA GLU U 17 7.85 -11.16 31.20
CA GLU U 17 7.85 -11.16 31.20
C GLU U 17 7.28 -12.20 30.24
N ILE U 18 8.16 -12.85 29.49
CA ILE U 18 7.76 -13.95 28.60
C ILE U 18 7.11 -15.06 29.43
N ALA U 19 7.71 -15.42 30.56
CA ALA U 19 7.13 -16.41 31.45
C ALA U 19 5.72 -16.03 31.87
N TRP U 20 5.51 -14.77 32.23
CA TRP U 20 4.17 -14.28 32.58
C TRP U 20 3.19 -14.40 31.41
N GLY U 21 3.66 -14.12 30.20
CA GLY U 21 2.86 -14.32 29.01
C GLY U 21 2.41 -15.77 28.84
N LEU U 22 3.33 -16.71 29.09
CA LEU U 22 3.00 -18.13 29.04
C LEU U 22 1.95 -18.49 30.10
N LYS U 23 2.10 -17.93 31.31
CA LYS U 23 1.10 -18.14 32.34
C LYS U 23 -0.28 -17.63 31.94
N GLU U 24 -0.32 -16.49 31.24
CA GLU U 24 -1.58 -15.96 30.73
C GLU U 24 -2.20 -16.88 29.68
N ILE U 25 -1.36 -17.46 28.82
CA ILE U 25 -1.81 -18.44 27.86
C ILE U 25 -2.43 -19.64 28.59
N ALA U 26 -1.75 -20.11 29.64
CA ALA U 26 -2.27 -21.23 30.42
C ALA U 26 -3.68 -20.93 30.96
N GLN U 27 -3.85 -19.71 31.47
CA GLN U 27 -5.15 -19.26 32.03
C GLN U 27 -6.21 -19.23 30.93
N GLY U 28 -5.81 -18.78 29.73
CA GLY U 28 -6.68 -18.74 28.58
C GLY U 28 -7.13 -20.10 28.10
N LEU U 29 -6.25 -21.10 28.18
CA LEU U 29 -6.60 -22.49 27.89
C LEU U 29 -7.55 -23.06 28.93
N LYS U 30 -7.29 -22.72 30.20
CA LYS U 30 -8.06 -23.25 31.33
C LYS U 30 -9.53 -22.76 31.33
N GLY U 31 -9.78 -21.61 30.71
CA GLY U 31 -11.12 -21.07 30.58
C GLY U 31 -10.93 -19.66 30.03
C ACE V 1 30.47 -11.56 41.98
O ACE V 1 30.34 -10.42 42.34
CH3 ACE V 1 30.21 -12.76 42.88
N GLY V 2 30.78 -11.86 40.74
CA GLY V 2 30.90 -10.83 39.72
C GLY V 2 29.56 -10.44 39.13
N GLU V 3 29.47 -9.21 38.67
CA GLU V 3 28.21 -8.68 38.18
C GLU V 3 27.78 -9.25 36.81
N ILE V 4 28.74 -9.50 35.92
CA ILE V 4 28.40 -10.14 34.65
C ILE V 4 27.91 -11.57 34.89
N ALA V 5 28.63 -12.31 35.73
CA ALA V 5 28.21 -13.65 36.10
C ALA V 5 26.82 -13.62 36.70
N GLN V 6 26.54 -12.63 37.55
CA GLN V 6 25.23 -12.51 38.17
C GLN V 6 24.14 -12.27 37.11
N GLY V 7 24.44 -11.44 36.11
CA GLY V 7 23.54 -11.22 35.01
C GLY V 7 23.19 -12.53 34.28
N LEU V 8 24.20 -13.36 34.03
CA LEU V 8 23.98 -14.65 33.41
C LEU V 8 23.10 -15.55 34.29
N LYS V 9 23.35 -15.53 35.60
CA LYS V 9 22.54 -16.29 36.55
C LYS V 9 21.09 -15.80 36.58
N GLU V 10 20.86 -14.51 36.45
CA GLU V 10 19.50 -13.98 36.37
C GLU V 10 18.81 -14.43 35.08
N ILE V 11 19.56 -14.46 33.97
CA ILE V 11 19.03 -15.00 32.73
C ILE V 11 18.59 -16.47 32.92
N ALA V 12 19.42 -17.27 33.58
CA ALA V 12 19.09 -18.65 33.87
C ALA V 12 17.80 -18.74 34.68
N LYS V 13 17.64 -17.88 35.69
CA LYS V 13 16.39 -17.87 36.47
C LYS V 13 15.17 -17.53 35.60
N GLY V 14 15.35 -16.60 34.65
CA GLY V 14 14.31 -16.28 33.71
C GLY V 14 13.89 -17.49 32.86
N LEU V 15 14.88 -18.26 32.40
CA LEU V 15 14.61 -19.48 31.66
C LEU V 15 13.84 -20.50 32.50
N LYS V 16 14.21 -20.62 33.78
CA LYS V 16 13.47 -21.51 34.68
C LYS V 16 12.02 -21.08 34.86
N GLU V 17 11.78 -19.75 34.92
CA GLU V 17 10.41 -19.26 35.00
C GLU V 17 9.62 -19.61 33.76
N ILE V 18 10.27 -19.50 32.59
CA ILE V 18 9.66 -19.91 31.32
C ILE V 18 9.27 -21.38 31.38
N ALA V 19 10.17 -22.23 31.89
CA ALA V 19 9.89 -23.65 32.03
C ALA V 19 8.62 -23.87 32.87
N TRP V 20 8.50 -23.14 33.99
CA TRP V 20 7.32 -23.24 34.80
C TRP V 20 6.05 -22.81 34.08
N GLY V 21 6.16 -21.77 33.27
CA GLY V 21 5.06 -21.33 32.41
C GLY V 21 4.61 -22.42 31.46
N LEU V 22 5.56 -23.14 30.86
CA LEU V 22 5.23 -24.27 29.99
C LEU V 22 4.50 -25.38 30.76
N LYS V 23 4.98 -25.67 31.98
CA LYS V 23 4.29 -26.63 32.82
C LYS V 23 2.85 -26.21 33.14
N GLU V 24 2.62 -24.92 33.36
CA GLU V 24 1.28 -24.40 33.56
C GLU V 24 0.40 -24.58 32.33
N ILE V 25 0.98 -24.36 31.15
CA ILE V 25 0.27 -24.61 29.90
C ILE V 25 -0.12 -26.09 29.81
N ALA V 26 0.81 -26.99 30.16
CA ALA V 26 0.52 -28.42 30.15
C ALA V 26 -0.69 -28.75 31.03
N GLN V 27 -0.73 -28.14 32.22
CA GLN V 27 -1.85 -28.35 33.16
C GLN V 27 -3.15 -27.82 32.58
N GLY V 28 -3.08 -26.68 31.88
CA GLY V 28 -4.21 -26.07 31.19
C GLY V 28 -4.77 -26.94 30.09
N LEU V 29 -3.90 -27.64 29.34
CA LEU V 29 -4.33 -28.61 28.34
C LEU V 29 -4.98 -29.84 28.99
N LYS V 30 -4.36 -30.35 30.08
CA LYS V 30 -4.81 -31.54 30.78
C LYS V 30 -6.23 -31.29 31.36
C ACE W 1 35.20 -21.73 38.40
O ACE W 1 35.09 -21.08 39.41
CH3 ACE W 1 35.42 -23.24 38.37
N GLY W 2 35.15 -21.18 37.21
CA GLY W 2 34.96 -19.75 37.05
C GLY W 2 33.50 -19.36 37.09
N GLU W 3 33.25 -18.12 37.51
CA GLU W 3 31.89 -17.66 37.70
C GLU W 3 31.13 -17.40 36.39
N ILE W 4 31.82 -16.92 35.36
CA ILE W 4 31.16 -16.75 34.05
C ILE W 4 30.77 -18.10 33.48
N ALA W 5 31.71 -19.06 33.53
CA ALA W 5 31.42 -20.42 33.09
C ALA W 5 30.23 -20.98 33.86
N GLN W 6 30.18 -20.74 35.18
CA GLN W 6 29.08 -21.22 35.99
C GLN W 6 27.74 -20.61 35.55
N GLY W 7 27.76 -19.32 35.23
CA GLY W 7 26.58 -18.66 34.70
C GLY W 7 26.08 -19.35 33.40
N LEU W 8 27.00 -19.68 32.51
CA LEU W 8 26.63 -20.40 31.30
C LEU W 8 26.04 -21.77 31.60
N LYS W 9 26.62 -22.47 32.57
CA LYS W 9 26.13 -23.77 33.01
C LYS W 9 24.73 -23.66 33.62
N GLU W 10 24.44 -22.58 34.35
CA GLU W 10 23.11 -22.35 34.88
C GLU W 10 22.10 -22.10 33.75
N ILE W 11 22.52 -21.35 32.72
CA ILE W 11 21.70 -21.14 31.54
C ILE W 11 21.35 -22.49 30.89
N ALA W 12 22.36 -23.36 30.75
CA ALA W 12 22.13 -24.70 30.20
C ALA W 12 21.08 -25.46 31.04
N LYS W 13 21.19 -25.38 32.36
CA LYS W 13 20.21 -26.03 33.23
C LYS W 13 18.79 -25.48 33.01
N GLY W 14 18.68 -24.16 32.80
CA GLY W 14 17.42 -23.53 32.46
C GLY W 14 16.82 -24.08 31.18
N LEU W 15 17.67 -24.27 30.18
CA LEU W 15 17.22 -24.86 28.90
C LEU W 15 16.71 -26.30 29.11
N LYS W 16 17.40 -27.07 29.95
CA LYS W 16 16.93 -28.41 30.30
C LYS W 16 15.57 -28.39 30.99
N GLU W 17 15.35 -27.41 31.87
CA GLU W 17 14.05 -27.26 32.53
CA GLU W 17 14.05 -27.26 32.53
C GLU W 17 12.96 -26.96 31.51
N ILE W 18 13.28 -26.12 30.51
CA ILE W 18 12.36 -25.83 29.42
C ILE W 18 12.01 -27.12 28.67
N ALA W 19 13.01 -27.95 28.40
CA ALA W 19 12.79 -29.24 27.76
C ALA W 19 11.79 -30.09 28.55
N TRP W 20 11.96 -30.13 29.88
CA TRP W 20 11.04 -30.87 30.74
C TRP W 20 9.61 -30.28 30.68
N GLY W 21 9.49 -28.96 30.58
CA GLY W 21 8.21 -28.33 30.38
C GLY W 21 7.54 -28.77 29.09
N LEU W 22 8.33 -28.87 28.01
CA LEU W 22 7.83 -29.36 26.73
C LEU W 22 7.34 -30.83 26.85
N LYS W 23 8.10 -31.65 27.57
CA LYS W 23 7.69 -33.01 27.83
C LYS W 23 6.37 -33.09 28.59
N GLU W 24 6.16 -32.18 29.54
CA GLU W 24 4.88 -32.10 30.24
C GLU W 24 3.73 -31.74 29.31
N ILE W 25 4.00 -30.80 28.40
CA ILE W 25 3.00 -30.45 27.38
C ILE W 25 2.66 -31.69 26.53
N ALA W 26 3.69 -32.45 26.14
CA ALA W 26 3.47 -33.65 25.34
C ALA W 26 2.55 -34.64 26.08
N GLN W 27 2.78 -34.80 27.39
CA GLN W 27 1.95 -35.69 28.23
C GLN W 27 0.52 -35.18 28.30
N GLY W 28 0.36 -33.86 28.38
CA GLY W 28 -0.95 -33.22 28.39
C GLY W 28 -1.73 -33.42 27.12
N LEU W 29 -1.04 -33.41 25.97
CA LEU W 29 -1.64 -33.72 24.68
C LEU W 29 -2.04 -35.19 24.58
N LYS W 30 -1.18 -36.06 25.10
CA LYS W 30 -1.39 -37.51 25.02
C LYS W 30 -2.59 -38.00 25.83
N GLY W 31 -2.97 -37.23 26.85
CA GLY W 31 -4.16 -37.50 27.66
C GLY W 31 -4.12 -36.52 28.80
C ACE X 1 38.90 -26.98 28.63
O ACE X 1 39.05 -27.07 29.82
CH3 ACE X 1 39.22 -28.15 27.69
N GLY X 2 38.53 -25.90 28.04
CA GLY X 2 38.27 -24.68 28.78
C GLY X 2 36.86 -24.63 29.34
N GLU X 3 36.71 -23.92 30.47
CA GLU X 3 35.44 -23.90 31.17
C GLU X 3 34.37 -23.07 30.47
N ILE X 4 34.76 -21.96 29.82
CA ILE X 4 33.76 -21.19 29.05
C ILE X 4 33.25 -22.02 27.87
N ALA X 5 34.18 -22.65 27.14
CA ALA X 5 33.82 -23.53 26.05
C ALA X 5 32.90 -24.64 26.54
N GLN X 6 33.19 -25.20 27.72
CA GLN X 6 32.36 -26.25 28.27
C GLN X 6 30.94 -25.74 28.57
N GLY X 7 30.84 -24.51 29.09
CA GLY X 7 29.55 -23.89 29.30
C GLY X 7 28.73 -23.78 28.02
N LEU X 8 29.39 -23.38 26.92
CA LEU X 8 28.74 -23.30 25.62
C LEU X 8 28.25 -24.68 25.17
N LYS X 9 29.09 -25.71 25.37
CA LYS X 9 28.73 -27.07 25.03
C LYS X 9 27.56 -27.58 25.85
N GLU X 10 27.46 -27.19 27.12
CA GLU X 10 26.32 -27.56 27.95
C GLU X 10 25.04 -26.87 27.43
N ILE X 11 25.16 -25.59 27.02
CA ILE X 11 24.04 -24.91 26.40
C ILE X 11 23.55 -25.67 25.15
N ALA X 12 24.49 -26.12 24.31
CA ALA X 12 24.15 -26.90 23.14
C ALA X 12 23.37 -28.17 23.53
N LYS X 13 23.83 -28.86 24.58
CA LYS X 13 23.12 -30.05 25.06
C LYS X 13 21.70 -29.71 25.53
N GLY X 14 21.52 -28.56 26.17
CA GLY X 14 20.22 -28.08 26.58
C GLY X 14 19.29 -27.88 25.37
N LEU X 15 19.83 -27.29 24.30
CA LEU X 15 19.07 -27.12 23.08
C LEU X 15 18.64 -28.46 22.47
N LYS X 16 19.53 -29.45 22.51
CA LYS X 16 19.20 -30.80 22.06
C LYS X 16 18.10 -31.43 22.89
N GLU X 17 18.09 -31.18 24.21
CA GLU X 17 17.02 -31.67 25.07
CA GLU X 17 17.02 -31.67 25.07
C GLU X 17 15.69 -31.02 24.68
N ILE X 18 15.72 -29.72 24.37
CA ILE X 18 14.54 -29.01 23.88
C ILE X 18 14.02 -29.68 22.59
N ALA X 19 14.92 -29.99 21.68
CA ALA X 19 14.56 -30.69 20.44
C ALA X 19 13.83 -32.00 20.74
N TRP X 20 14.36 -32.78 21.71
CA TRP X 20 13.70 -34.02 22.09
C TRP X 20 12.30 -33.78 22.66
N GLY X 21 12.14 -32.70 23.44
CA GLY X 21 10.84 -32.34 23.94
C GLY X 21 9.85 -32.03 22.82
N LEU X 22 10.32 -31.35 21.77
CA LEU X 22 9.48 -31.09 20.61
C LEU X 22 9.07 -32.39 19.90
N LYS X 23 10.02 -33.32 19.79
CA LYS X 23 9.71 -34.63 19.23
C LYS X 23 8.65 -35.37 20.04
N GLU X 24 8.70 -35.25 21.38
CA GLU X 24 7.70 -35.84 22.23
C GLU X 24 6.31 -35.20 22.01
N ILE X 25 6.29 -33.87 21.82
CA ILE X 25 5.07 -33.18 21.48
C ILE X 25 4.51 -33.72 20.15
N ALA X 26 5.38 -33.91 19.16
CA ALA X 26 4.95 -34.43 17.87
C ALA X 26 4.27 -35.79 18.03
N GLN X 27 4.85 -36.65 18.88
CA GLN X 27 4.29 -37.98 19.15
C GLN X 27 2.94 -37.88 19.83
N GLY X 28 2.82 -36.91 20.74
CA GLY X 28 1.58 -36.62 21.44
C GLY X 28 0.46 -36.17 20.53
N LEU X 29 0.80 -35.38 19.51
CA LEU X 29 -0.15 -34.95 18.47
C LEU X 29 -0.57 -36.11 17.60
N LYS X 30 0.41 -36.97 17.26
CA LYS X 30 0.18 -38.11 16.36
C LYS X 30 -0.75 -39.17 16.95
N GLY X 31 -0.82 -39.23 18.29
CA GLY X 31 -1.73 -40.12 18.99
C GLY X 31 -2.58 -39.47 20.07
C ACE Y 1 39.92 -24.83 17.13
O ACE Y 1 40.34 -25.60 17.95
CH3 ACE Y 1 40.13 -25.09 15.61
N GLY Y 2 39.37 -23.67 17.40
CA GLY Y 2 39.30 -23.23 18.77
C GLY Y 2 38.09 -23.75 19.51
N GLU Y 3 38.22 -23.85 20.83
CA GLU Y 3 37.19 -24.47 21.64
C GLU Y 3 35.95 -23.58 21.81
N ILE Y 4 36.12 -22.25 21.90
CA ILE Y 4 34.96 -21.37 21.95
C ILE Y 4 34.17 -21.43 20.64
N ALA Y 5 34.89 -21.37 19.52
CA ALA Y 5 34.27 -21.49 18.22
C ALA Y 5 33.52 -22.82 18.11
N GLN Y 6 34.14 -23.90 18.63
CA GLN Y 6 33.49 -25.20 18.59
C GLN Y 6 32.20 -25.21 19.41
N GLY Y 7 32.22 -24.54 20.57
CA GLY Y 7 31.03 -24.41 21.39
C GLY Y 7 29.89 -23.72 20.62
N LEU Y 8 30.23 -22.65 19.89
CA LEU Y 8 29.24 -21.97 19.07
C LEU Y 8 28.67 -22.89 17.97
N LYS Y 9 29.56 -23.68 17.34
CA LYS Y 9 29.15 -24.64 16.34
C LYS Y 9 28.24 -25.73 16.90
N GLU Y 10 28.49 -26.15 18.14
CA GLU Y 10 27.61 -27.11 18.79
C GLU Y 10 26.23 -26.51 19.08
N ILE Y 11 26.23 -25.24 19.49
CA ILE Y 11 24.96 -24.52 19.67
C ILE Y 11 24.17 -24.51 18.35
N ALA Y 12 24.85 -24.22 17.24
CA ALA Y 12 24.20 -24.22 15.94
C ALA Y 12 23.58 -25.60 15.64
N LYS Y 13 24.32 -26.68 15.93
CA LYS Y 13 23.79 -28.02 15.76
C LYS Y 13 22.53 -28.28 16.60
N GLY Y 14 22.52 -27.77 17.83
CA GLY Y 14 21.37 -27.84 18.70
C GLY Y 14 20.14 -27.15 18.08
N LEU Y 15 20.37 -25.97 17.49
CA LEU Y 15 19.30 -25.27 16.81
C LEU Y 15 18.75 -26.06 15.62
N LYS Y 16 19.64 -26.71 14.87
CA LYS Y 16 19.21 -27.57 13.78
C LYS Y 16 18.36 -28.75 14.27
N GLU Y 17 18.73 -29.33 15.43
CA GLU Y 17 17.93 -30.40 16.00
C GLU Y 17 16.52 -29.88 16.39
N ILE Y 18 16.46 -28.65 16.93
CA ILE Y 18 15.18 -28.03 17.24
C ILE Y 18 14.34 -27.90 15.96
N ALA Y 19 14.97 -27.45 14.87
CA ALA Y 19 14.28 -27.33 13.59
C ALA Y 19 13.67 -28.68 13.17
N TRP Y 20 14.43 -29.77 13.32
CA TRP Y 20 13.93 -31.08 13.02
C TRP Y 20 12.75 -31.49 13.88
N GLY Y 21 12.80 -31.11 15.16
CA GLY Y 21 11.67 -31.33 16.05
C GLY Y 21 10.40 -30.62 15.57
N LEU Y 22 10.56 -29.37 15.10
CA LEU Y 22 9.44 -28.63 14.55
C LEU Y 22 8.87 -29.32 13.30
N LYS Y 23 9.77 -29.82 12.44
CA LYS Y 23 9.32 -30.58 11.28
C LYS Y 23 8.53 -31.84 11.67
N GLU Y 24 8.94 -32.50 12.74
CA GLU Y 24 8.21 -33.66 13.24
C GLU Y 24 6.81 -33.26 13.74
N ILE Y 25 6.73 -32.10 14.42
CA ILE Y 25 5.45 -31.57 14.83
C ILE Y 25 4.55 -31.32 13.61
N ALA Y 26 5.13 -30.72 12.56
CA ALA Y 26 4.37 -30.46 11.34
C ALA Y 26 3.77 -31.77 10.78
N GLN Y 27 4.58 -32.83 10.78
CA GLN Y 27 4.14 -34.15 10.29
C GLN Y 27 3.02 -34.71 11.16
N GLY Y 28 3.13 -34.49 12.47
CA GLY Y 28 2.13 -34.88 13.44
C GLY Y 28 0.80 -34.19 13.26
N LEU Y 29 0.83 -32.91 12.89
CA LEU Y 29 -0.37 -32.16 12.55
C LEU Y 29 -0.99 -32.65 11.25
N LYS Y 30 -0.15 -32.95 10.27
CA LYS Y 30 -0.59 -33.37 8.94
C LYS Y 30 -1.30 -34.72 8.94
N GLY Y 31 -1.00 -35.56 9.93
CA GLY Y 31 -1.66 -36.84 10.12
C GLY Y 31 -0.90 -37.54 11.22
C ACE Z 1 37.73 -16.23 9.33
O ACE Z 1 38.44 -17.19 9.46
CH3 ACE Z 1 37.23 -15.72 7.99
N GLY Z 2 37.27 -15.53 10.38
CA GLY Z 2 37.57 -15.97 11.73
C GLY Z 2 36.62 -17.08 12.20
N GLU Z 3 37.11 -17.88 13.13
CA GLU Z 3 36.35 -19.02 13.60
C GLU Z 3 35.18 -18.64 14.51
N ILE Z 4 35.32 -17.62 15.33
CA ILE Z 4 34.19 -17.14 16.14
C ILE Z 4 33.08 -16.60 15.24
N ALA Z 5 33.46 -15.78 14.27
CA ALA Z 5 32.50 -15.26 13.30
C ALA Z 5 31.81 -16.40 12.58
N GLN Z 6 32.57 -17.45 12.21
CA GLN Z 6 31.99 -18.59 11.53
C GLN Z 6 30.95 -19.30 12.43
N GLY Z 7 31.28 -19.42 13.72
CA GLY Z 7 30.35 -20.00 14.67
C GLY Z 7 29.03 -19.21 14.72
N LEU Z 8 29.12 -17.89 14.72
CA LEU Z 8 27.92 -17.05 14.70
C LEU Z 8 27.12 -17.26 13.41
N LYS Z 9 27.82 -17.38 12.28
CA LYS Z 9 27.17 -17.65 11.01
C LYS Z 9 26.46 -19.00 10.98
N GLU Z 10 27.06 -20.01 11.64
CA GLU Z 10 26.40 -21.31 11.74
C GLU Z 10 25.13 -21.23 12.60
N ILE Z 11 25.21 -20.45 13.69
CA ILE Z 11 24.03 -20.20 14.52
C ILE Z 11 22.91 -19.56 13.67
N ALA Z 12 23.26 -18.57 12.85
CA ALA Z 12 22.29 -17.95 11.97
C ALA Z 12 21.64 -18.98 11.04
N LYS Z 13 22.44 -19.89 10.47
CA LYS Z 13 21.89 -20.94 9.62
C LYS Z 13 20.91 -21.86 10.39
N GLY Z 14 21.24 -22.15 11.65
CA GLY Z 14 20.35 -22.91 12.51
C GLY Z 14 19.01 -22.21 12.71
N LEU Z 15 19.06 -20.90 12.92
CA LEU Z 15 17.83 -20.10 13.05
C LEU Z 15 16.98 -20.15 11.77
N LYS Z 16 17.65 -20.10 10.61
CA LYS Z 16 16.93 -20.24 9.35
C LYS Z 16 16.27 -21.60 9.20
N GLU Z 17 16.93 -22.66 9.68
CA GLU Z 17 16.34 -23.99 9.66
C GLU Z 17 15.08 -24.04 10.56
N ILE Z 18 15.17 -23.37 11.72
CA ILE Z 18 14.01 -23.26 12.62
C ILE Z 18 12.85 -22.56 11.88
N ALA Z 19 13.17 -21.48 11.15
CA ALA Z 19 12.15 -20.80 10.36
C ALA Z 19 11.46 -21.73 9.38
N TRP Z 20 12.26 -22.56 8.69
CA TRP Z 20 11.70 -23.57 7.78
C TRP Z 20 10.79 -24.54 8.47
N GLY Z 21 11.18 -24.96 9.69
CA GLY Z 21 10.34 -25.83 10.49
C GLY Z 21 8.98 -25.19 10.79
N LEU Z 22 9.00 -23.89 11.15
CA LEU Z 22 7.77 -23.18 11.39
C LEU Z 22 6.89 -23.10 10.13
N LYS Z 23 7.52 -22.87 8.98
CA LYS Z 23 6.79 -22.88 7.72
C LYS Z 23 6.15 -24.23 7.42
N GLU Z 24 6.84 -25.33 7.77
CA GLU Z 24 6.26 -26.65 7.61
C GLU Z 24 5.04 -26.84 8.53
N ILE Z 25 5.13 -26.32 9.77
CA ILE Z 25 4.00 -26.34 10.66
C ILE Z 25 2.82 -25.57 10.03
N ALA Z 26 3.09 -24.40 9.46
CA ALA Z 26 2.05 -23.60 8.82
C ALA Z 26 1.34 -24.40 7.73
N GLN Z 27 2.13 -25.13 6.93
CA GLN Z 27 1.56 -25.96 5.84
C GLN Z 27 0.71 -27.08 6.41
N GLY Z 28 1.15 -27.66 7.53
CA GLY Z 28 0.42 -28.69 8.24
C GLY Z 28 -0.92 -28.23 8.79
N LEU Z 29 -0.97 -26.98 9.27
CA LEU Z 29 -2.22 -26.35 9.71
C LEU Z 29 -3.15 -26.09 8.55
N LYS Z 30 -2.58 -25.63 7.43
CA LYS Z 30 -3.35 -25.24 6.23
C LYS Z 30 -4.04 -26.43 5.57
N GLY Z 31 -3.50 -27.64 5.77
CA GLY Z 31 -4.11 -28.87 5.27
C GLY Z 31 -3.10 -29.95 5.54
C ACE AA 1 33.44 -5.39 8.82
O ACE AA 1 34.18 -6.11 8.23
CH3 ACE AA 1 32.64 -4.34 8.11
N GLY AA 2 33.25 -5.50 10.13
CA GLY AA 2 33.90 -6.53 10.90
C GLY AA 2 33.16 -7.86 10.84
N GLU AA 3 33.91 -8.94 10.99
CA GLU AA 3 33.32 -10.27 10.78
C GLU AA 3 32.43 -10.72 11.92
N ILE AA 4 32.79 -10.35 13.19
CA ILE AA 4 31.89 -10.68 14.31
C ILE AA 4 30.58 -9.92 14.18
N ALA AA 5 30.66 -8.63 13.86
CA ALA AA 5 29.47 -7.83 13.62
C ALA AA 5 28.63 -8.44 12.52
N GLN AA 6 29.29 -8.91 11.45
CA GLN AA 6 28.57 -9.53 10.34
C GLN AA 6 27.82 -10.81 10.81
N GLY AA 7 28.48 -11.59 11.66
CA GLY AA 7 27.85 -12.76 12.25
C GLY AA 7 26.58 -12.41 13.01
N LEU AA 8 26.64 -11.34 13.81
CA LEU AA 8 25.48 -10.87 14.55
C LEU AA 8 24.35 -10.43 13.58
N LYS AA 9 24.73 -9.75 12.50
CA LYS AA 9 23.76 -9.35 11.49
C LYS AA 9 23.11 -10.54 10.80
N GLU AA 10 23.87 -11.60 10.56
CA GLU AA 10 23.31 -12.83 10.00
C GLU AA 10 22.30 -13.48 10.97
N ILE AA 11 22.65 -13.47 12.27
CA ILE AA 11 21.73 -13.94 13.29
C ILE AA 11 20.40 -13.15 13.25
N ALA AA 12 20.51 -11.83 13.13
CA ALA AA 12 19.33 -10.97 13.02
C ALA AA 12 18.46 -11.38 11.80
N LYS AA 13 19.11 -11.65 10.66
CA LYS AA 13 18.39 -12.08 9.47
C LYS AA 13 17.64 -13.43 9.73
N GLY AA 14 18.30 -14.34 10.47
CA GLY AA 14 17.69 -15.57 10.86
C GLY AA 14 16.41 -15.36 11.71
N LEU AA 15 16.49 -14.42 12.64
CA LEU AA 15 15.35 -14.07 13.45
C LEU AA 15 14.18 -13.50 12.60
N LYS AA 16 14.53 -12.68 11.60
CA LYS AA 16 13.51 -12.18 10.69
C LYS AA 16 12.84 -13.28 9.90
N GLU AA 17 13.62 -14.31 9.50
CA GLU AA 17 13.04 -15.44 8.81
C GLU AA 17 12.04 -16.20 9.73
N ILE AA 18 12.42 -16.33 11.01
CA ILE AA 18 11.54 -16.92 12.00
C ILE AA 18 10.23 -16.13 12.09
N ALA AA 19 10.34 -14.79 12.13
CA ALA AA 19 9.17 -13.94 12.15
C ALA AA 19 8.24 -14.22 10.96
N TRP AA 20 8.82 -14.37 9.77
CA TRP AA 20 8.04 -14.70 8.59
C TRP AA 20 7.35 -16.05 8.71
N GLY AA 21 8.04 -17.03 9.31
CA GLY AA 21 7.44 -18.31 9.59
C GLY AA 21 6.21 -18.20 10.51
N LEU AA 22 6.32 -17.35 11.53
CA LEU AA 22 5.17 -17.08 12.41
C LEU AA 22 4.00 -16.45 11.66
N LYS AA 23 4.32 -15.50 10.77
CA LYS AA 23 3.28 -14.91 9.92
C LYS AA 23 2.60 -15.94 9.04
N GLU AA 24 3.35 -16.90 8.52
CA GLU AA 24 2.74 -17.99 7.75
C GLU AA 24 1.82 -18.87 8.61
N ILE AA 25 2.24 -19.12 9.85
CA ILE AA 25 1.39 -19.84 10.78
C ILE AA 25 0.09 -19.05 11.01
N ALA AA 26 0.19 -17.74 11.19
CA ALA AA 26 -0.98 -16.90 11.40
C ALA AA 26 -1.95 -17.04 10.23
N GLN AA 27 -1.42 -17.05 9.01
CA GLN AA 27 -2.25 -17.18 7.79
C GLN AA 27 -2.92 -18.56 7.77
N GLY AA 28 -2.19 -19.59 8.20
CA GLY AA 28 -2.70 -20.93 8.29
C GLY AA 28 -3.84 -21.10 9.28
N LEU AA 29 -3.76 -20.38 10.41
CA LEU AA 29 -4.83 -20.34 11.39
C LEU AA 29 -6.05 -19.60 10.86
N LYS AA 30 -5.80 -18.49 10.14
CA LYS AA 30 -6.86 -17.64 9.62
C LYS AA 30 -7.72 -18.30 8.55
N GLY AA 31 -7.15 -19.31 7.86
CA GLY AA 31 -7.87 -20.11 6.88
C GLY AA 31 -7.74 -21.62 7.05
C ACE BA 1 -18.26 -30.68 -8.37
O ACE BA 1 -17.90 -31.83 -8.40
CH3 ACE BA 1 -18.76 -29.98 -7.11
N GLY BA 2 -18.25 -29.92 -9.44
CA GLY BA 2 -17.74 -30.40 -10.70
C GLY BA 2 -16.22 -30.28 -10.79
N GLU BA 3 -15.63 -31.19 -11.59
CA GLU BA 3 -14.19 -31.28 -11.64
C GLU BA 3 -13.53 -30.13 -12.41
N ILE BA 4 -14.19 -29.60 -13.46
CA ILE BA 4 -13.64 -28.43 -14.14
C ILE BA 4 -13.64 -27.21 -13.21
N ALA BA 5 -14.75 -27.00 -12.52
CA ALA BA 5 -14.84 -25.94 -11.55
C ALA BA 5 -13.76 -26.09 -10.49
N GLN BA 6 -13.53 -27.32 -10.03
CA GLN BA 6 -12.50 -27.57 -9.03
C GLN BA 6 -11.10 -27.20 -9.56
N GLY BA 7 -10.84 -27.53 -10.84
CA GLY BA 7 -9.61 -27.13 -11.47
C GLY BA 7 -9.40 -25.61 -11.45
N LEU BA 8 -10.46 -24.87 -11.76
CA LEU BA 8 -10.40 -23.41 -11.72
C LEU BA 8 -10.12 -22.91 -10.29
N LYS BA 9 -10.76 -23.54 -9.30
CA LYS BA 9 -10.53 -23.19 -7.91
C LYS BA 9 -9.10 -23.46 -7.47
N GLU BA 10 -8.49 -24.55 -7.97
CA GLU BA 10 -7.11 -24.83 -7.67
C GLU BA 10 -6.17 -23.77 -8.31
N ILE BA 11 -6.51 -23.34 -9.54
CA ILE BA 11 -5.77 -22.28 -10.17
C ILE BA 11 -5.83 -20.98 -9.31
N ALA BA 12 -7.02 -20.66 -8.79
CA ALA BA 12 -7.17 -19.52 -7.92
C ALA BA 12 -6.26 -19.63 -6.69
N LYS BA 13 -6.20 -20.83 -6.08
CA LYS BA 13 -5.33 -21.04 -4.94
C LYS BA 13 -3.84 -20.83 -5.30
N GLY BA 14 -3.45 -21.27 -6.50
CA GLY BA 14 -2.11 -21.05 -7.01
C GLY BA 14 -1.79 -19.54 -7.12
N LEU BA 15 -2.76 -18.76 -7.61
CA LEU BA 15 -2.59 -17.32 -7.69
C LEU BA 15 -2.41 -16.68 -6.31
N LYS BA 16 -3.19 -17.17 -5.31
CA LYS BA 16 -3.03 -16.70 -3.96
C LYS BA 16 -1.64 -17.01 -3.39
N GLU BA 17 -1.09 -18.19 -3.73
CA GLU BA 17 0.25 -18.52 -3.31
C GLU BA 17 1.29 -17.56 -3.92
N ILE BA 18 1.08 -17.22 -5.21
CA ILE BA 18 1.93 -16.25 -5.88
C ILE BA 18 1.87 -14.90 -5.13
N ALA BA 19 0.66 -14.48 -4.75
CA ALA BA 19 0.51 -13.26 -3.98
C ALA BA 19 1.33 -13.28 -2.69
N TRP BA 20 1.29 -14.41 -1.99
CA TRP BA 20 2.09 -14.56 -0.76
C TRP BA 20 3.59 -14.46 -1.03
N GLY BA 21 4.02 -15.03 -2.17
CA GLY BA 21 5.40 -14.90 -2.58
C GLY BA 21 5.81 -13.42 -2.79
N LEU BA 22 4.92 -12.65 -3.43
CA LEU BA 22 5.16 -11.24 -3.60
C LEU BA 22 5.24 -10.48 -2.27
N LYS BA 23 4.36 -10.85 -1.32
CA LYS BA 23 4.43 -10.27 0.01
C LYS BA 23 5.76 -10.55 0.70
N GLU BA 24 6.30 -11.77 0.51
CA GLU BA 24 7.60 -12.08 1.05
C GLU BA 24 8.72 -11.24 0.42
N ILE BA 25 8.61 -11.02 -0.91
CA ILE BA 25 9.54 -10.13 -1.59
C ILE BA 25 9.47 -8.72 -0.98
N ALA BA 26 8.25 -8.24 -0.74
CA ALA BA 26 8.07 -6.90 -0.15
C ALA BA 26 8.80 -6.81 1.19
N GLN BA 27 8.67 -7.86 2.01
CA GLN BA 27 9.33 -7.91 3.34
C GLN BA 27 10.85 -7.91 3.18
N GLY BA 28 11.33 -8.62 2.16
CA GLY BA 28 12.74 -8.67 1.82
C GLY BA 28 13.32 -7.33 1.41
N LEU BA 29 12.54 -6.54 0.68
CA LEU BA 29 12.91 -5.18 0.29
C LEU BA 29 12.92 -4.25 1.52
N LYS BA 30 11.87 -4.37 2.36
CA LYS BA 30 11.70 -3.52 3.55
C LYS BA 30 12.85 -3.74 4.53
C ACE CA 1 -11.01 -37.57 -14.52
O ACE CA 1 -10.49 -38.38 -15.24
CH3 ACE CA 1 -11.23 -37.85 -13.03
N GLY CA 2 -11.52 -36.40 -14.94
CA GLY CA 2 -11.46 -36.08 -16.34
C GLY CA 2 -10.11 -35.44 -16.72
N GLU CA 3 -9.76 -35.60 -18.00
CA GLU CA 3 -8.47 -35.17 -18.46
C GLU CA 3 -8.34 -33.63 -18.59
N ILE CA 4 -9.42 -32.94 -18.98
CA ILE CA 4 -9.40 -31.48 -19.00
C ILE CA 4 -9.22 -30.92 -17.58
N ALA CA 5 -9.99 -31.45 -16.64
CA ALA CA 5 -9.86 -31.06 -15.25
C ALA CA 5 -8.43 -31.31 -14.77
N GLN CA 6 -7.85 -32.45 -15.15
CA GLN CA 6 -6.50 -32.76 -14.74
C GLN CA 6 -5.49 -31.73 -15.31
N GLY CA 7 -5.71 -31.32 -16.56
CA GLY CA 7 -4.90 -30.29 -17.16
C GLY CA 7 -4.94 -28.97 -16.37
N LEU CA 8 -6.15 -28.59 -15.94
CA LEU CA 8 -6.30 -27.39 -15.12
C LEU CA 8 -5.56 -27.53 -13.78
N LYS CA 9 -5.66 -28.73 -13.17
CA LYS CA 9 -4.95 -28.99 -11.93
C LYS CA 9 -3.43 -28.94 -12.09
N GLU CA 10 -2.92 -29.39 -13.24
CA GLU CA 10 -1.50 -29.29 -13.52
C GLU CA 10 -1.07 -27.81 -13.68
N ILE CA 11 -1.92 -27.02 -14.33
CA ILE CA 11 -1.67 -25.59 -14.44
C ILE CA 11 -1.57 -24.95 -13.03
N ALA CA 12 -2.50 -25.33 -12.13
CA ALA CA 12 -2.45 -24.84 -10.78
C ALA CA 12 -1.13 -25.20 -10.10
N LYS CA 13 -0.67 -26.45 -10.28
CA LYS CA 13 0.62 -26.85 -9.73
C LYS CA 13 1.79 -26.01 -10.28
N GLY CA 14 1.73 -25.68 -11.58
CA GLY CA 14 2.69 -24.80 -12.18
C GLY CA 14 2.73 -23.42 -11.51
N LEU CA 15 1.55 -22.88 -11.23
CA LEU CA 15 1.46 -21.61 -10.53
C LEU CA 15 2.06 -21.68 -9.11
N LYS CA 16 1.83 -22.80 -8.42
CA LYS CA 16 2.45 -23.01 -7.12
C LYS CA 16 3.97 -23.05 -7.20
N GLU CA 17 4.50 -23.68 -8.26
CA GLU CA 17 5.95 -23.70 -8.47
CA GLU CA 17 5.95 -23.71 -8.47
C GLU CA 17 6.49 -22.27 -8.68
N ILE CA 18 5.74 -21.46 -9.43
CA ILE CA 18 6.09 -20.06 -9.63
C ILE CA 18 6.14 -19.34 -8.27
N ALA CA 19 5.14 -19.57 -7.42
CA ALA CA 19 5.14 -19.01 -6.08
C ALA CA 19 6.40 -19.36 -5.31
N TRP CA 20 6.83 -20.64 -5.39
CA TRP CA 20 8.07 -21.07 -4.74
C TRP CA 20 9.30 -20.34 -5.30
N GLY CA 21 9.31 -20.10 -6.63
CA GLY CA 21 10.34 -19.32 -7.23
C GLY CA 21 10.41 -17.89 -6.69
N LEU CA 22 9.24 -17.27 -6.50
CA LEU CA 22 9.18 -15.95 -5.89
C LEU CA 22 9.69 -15.95 -4.47
N LYS CA 23 9.35 -16.99 -3.70
CA LYS CA 23 9.90 -17.12 -2.35
C LYS CA 23 11.40 -17.22 -2.34
N GLU CA 24 11.97 -17.93 -3.33
CA GLU CA 24 13.43 -18.02 -3.44
C GLU CA 24 14.05 -16.67 -3.76
N ILE CA 25 13.38 -15.89 -4.64
CA ILE CA 25 13.82 -14.53 -4.91
C ILE CA 25 13.82 -13.70 -3.63
N ALA CA 26 12.75 -13.82 -2.84
CA ALA CA 26 12.64 -13.06 -1.59
C ALA CA 26 13.83 -13.38 -0.68
N GLN CA 27 14.18 -14.67 -0.59
CA GLN CA 27 15.31 -15.11 0.25
C GLN CA 27 16.62 -14.56 -0.26
N GLY CA 28 16.75 -14.52 -1.59
CA GLY CA 28 17.93 -13.98 -2.25
C GLY CA 28 18.12 -12.51 -2.01
N LEU CA 29 17.03 -11.75 -1.96
CA LEU CA 29 17.08 -10.33 -1.62
C LEU CA 29 17.44 -10.13 -0.16
N LYS CA 30 16.88 -10.97 0.71
CA LYS CA 30 17.07 -10.86 2.17
C LYS CA 30 18.49 -11.13 2.60
N GLY CA 31 19.24 -11.90 1.80
CA GLY CA 31 20.65 -12.16 2.06
C GLY CA 31 21.58 -12.01 0.88
C ACE DA 1 -5.59 -37.98 -25.02
O ACE DA 1 -5.25 -38.11 -26.18
CH3 ACE DA 1 -5.25 -39.07 -24.00
N GLY DA 2 -6.37 -37.03 -24.60
CA GLY DA 2 -6.95 -36.08 -25.53
C GLY DA 2 -6.01 -34.91 -25.81
N GLU DA 3 -6.16 -34.33 -27.00
CA GLU DA 3 -5.25 -33.31 -27.45
C GLU DA 3 -5.43 -31.97 -26.75
N ILE DA 4 -6.68 -31.59 -26.43
CA ILE DA 4 -6.90 -30.37 -25.67
C ILE DA 4 -6.29 -30.50 -24.27
N ALA DA 5 -6.53 -31.61 -23.61
CA ALA DA 5 -5.95 -31.88 -22.31
C ALA DA 5 -4.42 -31.82 -22.40
N GLN DA 6 -3.86 -32.38 -23.47
CA GLN DA 6 -2.41 -32.36 -23.64
C GLN DA 6 -1.89 -30.93 -23.79
N GLY DA 7 -2.63 -30.09 -24.51
CA GLY DA 7 -2.29 -28.69 -24.64
C GLY DA 7 -2.23 -27.99 -23.27
N LEU DA 8 -3.22 -28.28 -22.41
CA LEU DA 8 -3.24 -27.73 -21.07
C LEU DA 8 -2.03 -28.20 -20.25
N LYS DA 9 -1.69 -29.49 -20.40
CA LYS DA 9 -0.53 -30.06 -19.71
C LYS DA 9 0.78 -29.42 -20.19
N GLU DA 10 0.87 -29.10 -21.48
CA GLU DA 10 2.05 -28.41 -22.00
C GLU DA 10 2.14 -26.97 -21.42
N ILE DA 11 1.00 -26.31 -21.31
CA ILE DA 11 0.95 -24.99 -20.68
C ILE DA 11 1.48 -25.09 -19.23
N ALA DA 12 1.04 -26.10 -18.49
CA ALA DA 12 1.54 -26.32 -17.14
C ALA DA 12 3.05 -26.48 -17.12
N LYS DA 13 3.59 -27.27 -18.06
CA LYS DA 13 5.05 -27.44 -18.15
C LYS DA 13 5.76 -26.11 -18.42
N GLY DA 14 5.16 -25.25 -19.26
CA GLY DA 14 5.68 -23.93 -19.52
C GLY DA 14 5.75 -23.09 -18.24
N LEU DA 15 4.70 -23.17 -17.42
CA LEU DA 15 4.68 -22.47 -16.16
C LEU DA 15 5.79 -22.98 -15.20
N LYS DA 16 6.01 -24.30 -15.18
CA LYS DA 16 7.10 -24.86 -14.41
C LYS DA 16 8.47 -24.37 -14.88
N GLU DA 17 8.64 -24.21 -16.20
CA GLU DA 17 9.88 -23.67 -16.73
C GLU DA 17 10.08 -22.24 -16.26
N ILE DA 18 8.99 -21.46 -16.24
CA ILE DA 18 9.03 -20.08 -15.74
C ILE DA 18 9.50 -20.10 -14.26
N ALA DA 19 8.94 -21.01 -13.47
CA ALA DA 19 9.34 -21.14 -12.08
C ALA DA 19 10.86 -21.39 -11.96
N TRP DA 20 11.40 -22.27 -12.81
CA TRP DA 20 12.81 -22.53 -12.81
C TRP DA 20 13.65 -21.31 -13.16
N GLY DA 21 13.14 -20.51 -14.12
CA GLY DA 21 13.76 -19.25 -14.44
C GLY DA 21 13.81 -18.29 -13.26
N LEU DA 22 12.72 -18.22 -12.50
CA LEU DA 22 12.69 -17.41 -11.28
C LEU DA 22 13.72 -17.89 -10.25
N LYS DA 23 13.83 -19.22 -10.11
CA LYS DA 23 14.85 -19.77 -9.22
C LYS DA 23 16.27 -19.36 -9.65
N GLU DA 24 16.51 -19.33 -10.96
CA GLU DA 24 17.79 -18.89 -11.48
C GLU DA 24 18.05 -17.39 -11.18
N ILE DA 25 17.00 -16.57 -11.29
CA ILE DA 25 17.08 -15.18 -10.91
C ILE DA 25 17.45 -15.06 -9.42
N ALA DA 26 16.81 -15.88 -8.58
CA ALA DA 26 17.11 -15.87 -7.14
C ALA DA 26 18.60 -16.14 -6.89
N GLN DA 27 19.14 -17.12 -7.62
CA GLN DA 27 20.57 -17.47 -7.49
C GLN DA 27 21.46 -16.30 -7.95
N GLY DA 28 21.03 -15.62 -9.01
CA GLY DA 28 21.71 -14.44 -9.52
C GLY DA 28 21.75 -13.28 -8.54
N LEU DA 29 20.67 -13.09 -7.78
CA LEU DA 29 20.60 -12.09 -6.71
C LEU DA 29 21.49 -12.47 -5.55
N LYS DA 30 21.51 -13.76 -5.21
CA LYS DA 30 22.27 -14.28 -4.07
C LYS DA 30 23.78 -14.16 -4.25
N GLY DA 31 24.24 -14.11 -5.52
CA GLY DA 31 25.64 -13.89 -5.84
C GLY DA 31 25.92 -12.79 -6.87
C ACE EA 1 -4.82 -31.65 -34.92
O ACE EA 1 -4.97 -31.14 -35.99
CH3 ACE EA 1 -3.85 -32.79 -34.73
N GLY EA 2 -5.53 -31.32 -33.84
CA GLY EA 2 -6.55 -30.31 -33.95
C GLY EA 2 -6.00 -28.90 -33.79
N GLU EA 3 -6.69 -27.94 -34.40
CA GLU EA 3 -6.19 -26.58 -34.45
C GLU EA 3 -6.29 -25.85 -33.10
N ILE EA 4 -7.34 -26.09 -32.33
CA ILE EA 4 -7.43 -25.48 -30.99
C ILE EA 4 -6.32 -26.04 -30.08
N ALA EA 5 -6.13 -27.35 -30.11
CA ALA EA 5 -5.05 -27.97 -29.37
C ALA EA 5 -3.71 -27.39 -29.78
N GLN EA 6 -3.52 -27.18 -31.09
CA GLN EA 6 -2.27 -26.61 -31.57
C GLN EA 6 -2.06 -25.19 -31.04
N GLY EA 7 -3.15 -24.40 -30.98
CA GLY EA 7 -3.08 -23.07 -30.40
C GLY EA 7 -2.61 -23.11 -28.95
N LEU EA 8 -3.14 -24.05 -28.17
CA LEU EA 8 -2.71 -24.21 -26.78
C LEU EA 8 -1.23 -24.60 -26.69
N LYS EA 9 -0.78 -25.49 -27.60
CA LYS EA 9 0.61 -25.89 -27.65
C LYS EA 9 1.52 -24.73 -28.01
N GLU EA 10 1.07 -23.83 -28.90
CA GLU EA 10 1.85 -22.64 -29.22
CA GLU EA 10 1.85 -22.64 -29.22
C GLU EA 10 1.95 -21.69 -28.02
N ILE EA 11 0.84 -21.56 -27.27
CA ILE EA 11 0.86 -20.79 -26.03
C ILE EA 11 1.91 -21.36 -25.06
N ALA EA 12 1.95 -22.69 -24.92
CA ALA EA 12 2.94 -23.34 -24.08
C ALA EA 12 4.35 -22.98 -24.53
N LYS EA 13 4.61 -23.02 -25.84
CA LYS EA 13 5.91 -22.62 -26.37
C LYS EA 13 6.26 -21.17 -26.04
N GLY EA 14 5.27 -20.29 -26.09
CA GLY EA 14 5.44 -18.89 -25.69
C GLY EA 14 5.84 -18.78 -24.23
N LEU EA 15 5.22 -19.56 -23.36
CA LEU EA 15 5.59 -19.57 -21.95
C LEU EA 15 7.03 -20.06 -21.75
N LYS EA 16 7.45 -21.07 -22.52
CA LYS EA 16 8.83 -21.52 -22.48
C LYS EA 16 9.80 -20.44 -22.93
N GLU EA 17 9.43 -19.64 -23.94
CA GLU EA 17 10.26 -18.53 -24.37
C GLU EA 17 10.39 -17.49 -23.27
N ILE EA 18 9.29 -17.23 -22.56
CA ILE EA 18 9.31 -16.33 -21.39
C ILE EA 18 10.29 -16.85 -20.36
N ALA EA 19 10.24 -18.15 -20.08
CA ALA EA 19 11.19 -18.77 -19.16
C ALA EA 19 12.62 -18.52 -19.56
N TRP EA 20 12.93 -18.68 -20.87
CA TRP EA 20 14.26 -18.35 -21.39
C TRP EA 20 14.66 -16.93 -21.17
N GLY EA 21 13.71 -16.01 -21.35
CA GLY EA 21 13.94 -14.60 -21.09
C GLY EA 21 14.32 -14.35 -19.63
N LEU EA 22 13.61 -15.03 -18.70
CA LEU EA 22 13.95 -14.92 -17.30
C LEU EA 22 15.34 -15.45 -16.99
N LYS EA 23 15.69 -16.58 -17.62
CA LYS EA 23 17.03 -17.12 -17.46
C LYS EA 23 18.10 -16.18 -17.98
N GLU EA 24 17.83 -15.45 -19.07
CA GLU EA 24 18.75 -14.44 -19.57
C GLU EA 24 18.93 -13.31 -18.58
N ILE EA 25 17.82 -12.89 -17.94
CA ILE EA 25 17.90 -11.89 -16.88
C ILE EA 25 18.81 -12.41 -15.73
N ALA EA 26 18.61 -13.68 -15.35
CA ALA EA 26 19.42 -14.27 -14.30
C ALA EA 26 20.92 -14.20 -14.64
N GLN EA 27 21.24 -14.50 -15.88
CA GLN EA 27 22.65 -14.48 -16.37
C GLN EA 27 23.19 -13.06 -16.32
N GLY EA 28 22.34 -12.08 -16.67
CA GLY EA 28 22.68 -10.67 -16.62
C GLY EA 28 22.98 -10.17 -15.22
N LEU EA 29 22.23 -10.68 -14.22
CA LEU EA 29 22.49 -10.38 -12.82
C LEU EA 29 23.79 -11.03 -12.35
N LYS EA 30 24.04 -12.26 -12.79
CA LYS EA 30 25.20 -13.05 -12.37
C LYS EA 30 26.53 -12.47 -12.86
N GLY EA 31 26.48 -11.70 -13.95
CA GLY EA 31 27.64 -11.00 -14.48
C GLY EA 31 27.21 -10.43 -15.81
C ACE FA 1 -8.79 -21.74 -39.58
O ACE FA 1 -9.41 -20.86 -40.17
CH3 ACE FA 1 -7.56 -22.47 -40.15
N GLY FA 2 -9.13 -22.15 -38.36
CA GLY FA 2 -10.24 -21.56 -37.67
C GLY FA 2 -9.87 -20.28 -36.95
N GLU FA 3 -10.87 -19.42 -36.75
CA GLU FA 3 -10.62 -18.12 -36.18
C GLU FA 3 -10.32 -18.16 -34.66
N ILE FA 4 -10.94 -19.06 -33.92
CA ILE FA 4 -10.61 -19.20 -32.50
C ILE FA 4 -9.18 -19.71 -32.35
N ALA FA 5 -8.81 -20.73 -33.12
CA ALA FA 5 -7.45 -21.24 -33.11
C ALA FA 5 -6.48 -20.12 -33.46
N GLN FA 6 -6.83 -19.29 -34.45
CA GLN FA 6 -5.96 -18.18 -34.82
C GLN FA 6 -5.77 -17.19 -33.68
N GLY FA 7 -6.86 -16.92 -32.95
CA GLY FA 7 -6.79 -16.08 -31.76
C GLY FA 7 -5.79 -16.62 -30.73
N LEU FA 8 -5.85 -17.93 -30.49
CA LEU FA 8 -4.90 -18.57 -29.58
C LEU FA 8 -3.45 -18.42 -30.08
N LYS FA 9 -3.26 -18.60 -31.39
CA LYS FA 9 -1.95 -18.42 -31.99
C LYS FA 9 -1.44 -16.99 -31.88
N GLU FA 10 -2.32 -16.00 -31.97
CA GLU FA 10 -1.94 -14.61 -31.77
C GLU FA 10 -1.53 -14.36 -30.32
N ILE FA 11 -2.26 -14.96 -29.38
CA ILE FA 11 -1.89 -14.89 -27.97
C ILE FA 11 -0.47 -15.46 -27.77
N ALA FA 12 -0.17 -16.60 -28.38
CA ALA FA 12 1.15 -17.18 -28.30
C ALA FA 12 2.21 -16.21 -28.83
N LYS FA 13 1.93 -15.54 -29.96
CA LYS FA 13 2.86 -14.56 -30.49
C LYS FA 13 3.10 -13.40 -29.51
N GLY FA 14 2.03 -12.96 -28.82
CA GLY FA 14 2.13 -11.94 -27.80
C GLY FA 14 3.07 -12.38 -26.67
N LEU FA 15 2.95 -13.64 -26.24
CA LEU FA 15 3.82 -14.18 -25.22
C LEU FA 15 5.30 -14.19 -25.67
N LYS FA 16 5.54 -14.54 -26.94
CA LYS FA 16 6.88 -14.48 -27.48
C LYS FA 16 7.44 -13.05 -27.50
N GLU FA 17 6.59 -12.06 -27.79
CA GLU FA 17 7.02 -10.68 -27.74
CA GLU FA 17 7.03 -10.66 -27.74
C GLU FA 17 7.43 -10.27 -26.31
N ILE FA 18 6.64 -10.75 -25.32
CA ILE FA 18 6.97 -10.53 -23.93
C ILE FA 18 8.35 -11.13 -23.60
N ALA FA 19 8.60 -12.35 -24.08
CA ALA FA 19 9.90 -12.98 -23.89
C ALA FA 19 11.03 -12.11 -24.42
N TRP FA 20 10.84 -11.54 -25.63
CA TRP FA 20 11.82 -10.66 -26.19
C TRP FA 20 12.04 -9.40 -25.37
N GLY FA 21 10.98 -8.87 -24.80
CA GLY FA 21 11.07 -7.75 -23.87
C GLY FA 21 11.94 -8.08 -22.65
N LEU FA 22 11.75 -9.29 -22.11
CA LEU FA 22 12.58 -9.75 -21.01
C LEU FA 22 14.06 -9.87 -21.41
N LYS FA 23 14.31 -10.38 -22.60
CA LYS FA 23 15.68 -10.43 -23.11
C LYS FA 23 16.30 -9.03 -23.25
N GLU FA 24 15.51 -8.04 -23.66
CA GLU FA 24 15.99 -6.67 -23.71
C GLU FA 24 16.33 -6.13 -22.32
N ILE FA 25 15.50 -6.48 -21.32
CA ILE FA 25 15.80 -6.13 -19.94
C ILE FA 25 17.14 -6.75 -19.52
N ALA FA 26 17.34 -8.04 -19.86
CA ALA FA 26 18.57 -8.71 -19.52
C ALA FA 26 19.79 -7.97 -20.09
N GLN FA 27 19.66 -7.52 -21.34
CA GLN FA 27 20.74 -6.77 -22.01
C GLN FA 27 21.00 -5.44 -21.30
N GLY FA 28 19.91 -4.80 -20.86
CA GLY FA 28 19.98 -3.55 -20.11
C GLY FA 28 20.67 -3.69 -18.77
N LEU FA 29 20.47 -4.82 -18.09
CA LEU FA 29 21.18 -5.12 -16.86
C LEU FA 29 22.65 -5.40 -17.10
N LYS FA 30 22.94 -6.11 -18.20
CA LYS FA 30 24.31 -6.53 -18.54
C LYS FA 30 25.22 -5.35 -18.89
N GLY FA 31 24.62 -4.24 -19.34
CA GLY FA 31 25.34 -3.01 -19.64
C GLY FA 31 24.33 -2.11 -20.33
C ACE GA 1 -15.90 -12.56 -36.94
O ACE GA 1 -16.80 -11.82 -36.74
CH3 ACE GA 1 -15.09 -12.47 -38.24
N GLY GA 2 -15.60 -13.58 -36.17
CA GLY GA 2 -16.40 -13.87 -35.01
C GLY GA 2 -15.96 -13.07 -33.79
N GLU GA 3 -16.94 -12.81 -32.90
CA GLU GA 3 -16.66 -11.94 -31.77
C GLU GA 3 -15.80 -12.57 -30.68
N ILE GA 4 -15.93 -13.88 -30.45
CA ILE GA 4 -15.03 -14.54 -29.47
C ILE GA 4 -13.61 -14.52 -30.00
N ALA GA 5 -13.42 -14.85 -31.29
CA ALA GA 5 -12.11 -14.79 -31.90
C ALA GA 5 -11.54 -13.38 -31.78
N GLN GA 6 -12.38 -12.37 -32.00
CA GLN GA 6 -11.93 -10.99 -31.89
C GLN GA 6 -11.47 -10.66 -30.47
N GLY GA 7 -12.21 -11.16 -29.48
CA GLY GA 7 -11.82 -11.00 -28.09
C GLY GA 7 -10.43 -11.57 -27.81
N LEU GA 8 -10.18 -12.77 -28.34
CA LEU GA 8 -8.85 -13.39 -28.19
C LEU GA 8 -7.76 -12.55 -28.86
N LYS GA 9 -8.07 -12.02 -30.05
CA LYS GA 9 -7.13 -11.14 -30.76
C LYS GA 9 -6.84 -9.86 -29.99
N GLU GA 10 -7.85 -9.30 -29.31
CA GLU GA 10 -7.63 -8.13 -28.48
C GLU GA 10 -6.74 -8.47 -27.28
N ILE GA 11 -6.95 -9.64 -26.68
CA ILE GA 11 -6.08 -10.12 -25.61
C ILE GA 11 -4.62 -10.20 -26.11
N ALA GA 12 -4.42 -10.75 -27.29
CA ALA GA 12 -3.08 -10.82 -27.88
C ALA GA 12 -2.48 -9.42 -28.03
N LYS GA 13 -3.27 -8.44 -28.50
CA LYS GA 13 -2.78 -7.06 -28.60
C LYS GA 13 -2.38 -6.50 -27.24
N GLY GA 14 -3.14 -6.83 -26.19
CA GLY GA 14 -2.81 -6.44 -24.84
C GLY GA 14 -1.47 -6.99 -24.40
N LEU GA 15 -1.22 -8.26 -24.73
CA LEU GA 15 0.07 -8.88 -24.43
C LEU GA 15 1.22 -8.20 -25.15
N LYS GA 16 1.00 -7.83 -26.41
CA LYS GA 16 2.01 -7.08 -27.16
C LYS GA 16 2.29 -5.72 -26.53
N GLU GA 17 1.26 -5.05 -26.01
CA GLU GA 17 1.47 -3.78 -25.32
CA GLU GA 17 1.47 -3.78 -25.32
C GLU GA 17 2.31 -3.99 -24.06
N ILE GA 18 2.05 -5.08 -23.34
CA ILE GA 18 2.87 -5.44 -22.17
C ILE GA 18 4.33 -5.62 -22.59
N ALA GA 19 4.56 -6.33 -23.70
CA ALA GA 19 5.90 -6.51 -24.21
C ALA GA 19 6.58 -5.16 -24.47
N TRP GA 20 5.86 -4.21 -25.07
CA TRP GA 20 6.40 -2.87 -25.31
C TRP GA 20 6.73 -2.16 -24.03
N GLY GA 21 5.91 -2.33 -23.00
CA GLY GA 21 6.19 -1.79 -21.67
C GLY GA 21 7.51 -2.33 -21.12
N LEU GA 22 7.73 -3.64 -21.28
CA LEU GA 22 8.99 -4.23 -20.87
C LEU GA 22 10.19 -3.66 -21.64
N LYS GA 23 10.01 -3.46 -22.93
CA LYS GA 23 11.06 -2.83 -23.74
C LYS GA 23 11.36 -1.41 -23.29
N GLU GA 24 10.33 -0.66 -22.86
CA GLU GA 24 10.56 0.67 -22.30
C GLU GA 24 11.34 0.62 -21.01
N ILE GA 25 11.03 -0.39 -20.16
CA ILE GA 25 11.80 -0.61 -18.94
C ILE GA 25 13.28 -0.88 -19.30
N ALA GA 26 13.50 -1.72 -20.31
CA ALA GA 26 14.85 -2.04 -20.73
C ALA GA 26 15.61 -0.79 -21.13
N GLN GA 27 14.94 0.10 -21.87
CA GLN GA 27 15.56 1.38 -22.31
C GLN GA 27 15.88 2.26 -21.10
N GLY GA 28 14.99 2.25 -20.11
CA GLY GA 28 15.19 2.99 -18.88
C GLY GA 28 16.37 2.51 -18.06
N LEU GA 29 16.60 1.20 -18.05
CA LEU GA 29 17.79 0.60 -17.41
C LEU GA 29 19.06 0.94 -18.16
N LYS GA 30 18.98 0.92 -19.50
CA LYS GA 30 20.14 1.17 -20.36
C LYS GA 30 20.66 2.60 -20.28
N GLY GA 31 19.80 3.54 -19.89
CA GLY GA 31 20.17 4.93 -19.66
C GLY GA 31 19.73 5.53 -18.33
C ACE HA 1 -22.61 -8.82 -28.05
O ACE HA 1 -23.48 -8.62 -27.24
CH3 ACE HA 1 -22.27 -7.82 -29.16
N GLY HA 2 -21.87 -9.94 -28.07
CA GLY HA 2 -22.12 -10.97 -27.09
C GLY HA 2 -21.39 -10.73 -25.79
N GLU HA 3 -21.96 -11.26 -24.71
CA GLU HA 3 -21.44 -10.96 -23.39
C GLU HA 3 -20.13 -11.68 -23.07
N ILE HA 4 -19.95 -12.92 -23.56
CA ILE HA 4 -18.67 -13.59 -23.36
C ILE HA 4 -17.55 -12.86 -24.12
N ALA HA 5 -17.82 -12.49 -25.37
CA ALA HA 5 -16.88 -11.72 -26.14
C ALA HA 5 -16.55 -10.42 -25.43
N GLN HA 6 -17.55 -9.76 -24.85
CA GLN HA 6 -17.31 -8.52 -24.13
C GLN HA 6 -16.41 -8.74 -22.92
N GLY HA 7 -16.62 -9.86 -22.20
CA GLY HA 7 -15.75 -10.22 -21.11
C GLY HA 7 -14.29 -10.36 -21.54
N LEU HA 8 -14.06 -11.02 -22.69
CA LEU HA 8 -12.72 -11.14 -23.23
C LEU HA 8 -12.11 -9.78 -23.58
N LYS HA 9 -12.94 -8.90 -24.16
CA LYS HA 9 -12.50 -7.55 -24.49
C LYS HA 9 -12.16 -6.73 -23.24
N GLU HA 10 -12.89 -6.94 -22.15
CA GLU HA 10 -12.56 -6.28 -20.89
C GLU HA 10 -11.23 -6.80 -20.33
N ILE HA 11 -10.99 -8.10 -20.45
CA ILE HA 11 -9.72 -8.67 -20.05
C ILE HA 11 -8.57 -8.03 -20.86
N ALA HA 12 -8.76 -7.87 -22.16
CA ALA HA 12 -7.78 -7.20 -23.00
C ALA HA 12 -7.49 -5.78 -22.50
N LYS HA 13 -8.54 -5.03 -22.14
CA LYS HA 13 -8.37 -3.70 -21.59
C LYS HA 13 -7.56 -3.70 -20.29
N GLY HA 14 -7.80 -4.71 -19.44
CA GLY HA 14 -7.04 -4.90 -18.23
C GLY HA 14 -5.55 -5.10 -18.51
N LEU HA 15 -5.25 -5.92 -19.54
CA LEU HA 15 -3.87 -6.12 -19.96
C LEU HA 15 -3.22 -4.83 -20.45
N LYS HA 16 -3.96 -4.02 -21.19
CA LYS HA 16 -3.47 -2.70 -21.62
C LYS HA 16 -3.20 -1.79 -20.44
N GLU HA 17 -4.02 -1.83 -19.39
CA GLU HA 17 -3.77 -1.05 -18.19
C GLU HA 17 -2.46 -1.50 -17.51
N ILE HA 18 -2.24 -2.82 -17.48
CA ILE HA 18 -0.99 -3.37 -16.96
C ILE HA 18 0.19 -2.82 -17.76
N ALA HA 19 0.07 -2.81 -19.09
CA ALA HA 19 1.10 -2.25 -19.94
C ALA HA 19 1.41 -0.82 -19.59
N TRP HA 20 0.37 -0.01 -19.36
CA TRP HA 20 0.56 1.39 -18.95
C TRP HA 20 1.27 1.49 -17.62
N GLY HA 21 0.95 0.59 -16.68
CA GLY HA 21 1.67 0.56 -15.42
C GLY HA 21 3.17 0.30 -15.61
N LEU HA 22 3.50 -0.64 -16.52
CA LEU HA 22 4.88 -0.90 -16.83
C LEU HA 22 5.59 0.31 -17.45
N LYS HA 23 4.88 1.01 -18.34
CA LYS HA 23 5.42 2.24 -18.90
C LYS HA 23 5.67 3.30 -17.85
N GLU HA 24 4.81 3.40 -16.84
CA GLU HA 24 5.02 4.31 -15.73
C GLU HA 24 6.26 3.93 -14.92
N ILE HA 25 6.46 2.63 -14.71
CA ILE HA 25 7.66 2.15 -14.06
C ILE HA 25 8.90 2.57 -14.87
N ALA HA 26 8.84 2.40 -16.19
CA ALA HA 26 9.95 2.77 -17.06
C ALA HA 26 10.30 4.26 -16.88
N GLN HA 27 9.27 5.12 -16.81
CA GLN HA 27 9.48 6.56 -16.62
C GLN HA 27 10.11 6.84 -15.28
N GLY HA 28 9.68 6.10 -14.25
CA GLY HA 28 10.24 6.18 -12.91
C GLY HA 28 11.72 5.82 -12.83
N LEU HA 29 12.18 4.92 -13.71
CA LEU HA 29 13.60 4.53 -13.78
C LEU HA 29 14.47 5.64 -14.38
C ACE IA 1 -25.85 -12.15 -17.24
O ACE IA 1 -26.37 -12.63 -16.28
CH3 ACE IA 1 -26.14 -10.71 -17.68
N GLY IA 2 -25.05 -12.80 -18.03
CA GLY IA 2 -24.73 -14.20 -17.78
C GLY IA 2 -23.58 -14.34 -16.80
N GLU IA 3 -23.59 -15.46 -16.07
CA GLU IA 3 -22.67 -15.63 -14.98
C GLU IA 3 -21.22 -15.92 -15.41
N ILE IA 4 -21.05 -16.67 -16.51
CA ILE IA 4 -19.69 -16.89 -17.03
C ILE IA 4 -19.10 -15.56 -17.52
N ALA IA 5 -19.88 -14.78 -18.27
CA ALA IA 5 -19.46 -13.49 -18.71
C ALA IA 5 -19.08 -12.61 -17.52
N GLN IA 6 -19.89 -12.67 -16.45
CA GLN IA 6 -19.60 -11.88 -15.26
C GLN IA 6 -18.26 -12.31 -14.62
N GLY IA 7 -18.00 -13.62 -14.60
CA GLY IA 7 -16.73 -14.13 -14.12
C GLY IA 7 -15.54 -13.56 -14.91
N LEU IA 8 -15.68 -13.50 -16.24
CA LEU IA 8 -14.65 -12.90 -17.07
C LEU IA 8 -14.45 -11.42 -16.77
N LYS IA 9 -15.56 -10.71 -16.55
CA LYS IA 9 -15.51 -9.29 -16.18
C LYS IA 9 -14.85 -9.08 -14.83
N GLU IA 10 -15.04 -10.00 -13.88
CA GLU IA 10 -14.36 -9.91 -12.59
C GLU IA 10 -12.85 -10.14 -12.75
N ILE IA 11 -12.48 -11.09 -13.63
CA ILE IA 11 -11.08 -11.31 -13.94
C ILE IA 11 -10.47 -10.02 -14.50
N ALA IA 12 -11.17 -9.35 -15.42
CA ALA IA 12 -10.69 -8.10 -15.97
C ALA IA 12 -10.46 -7.06 -14.86
N LYS IA 13 -11.41 -6.97 -13.91
CA LYS IA 13 -11.24 -6.05 -12.79
C LYS IA 13 -9.99 -6.39 -11.95
N GLY IA 14 -9.72 -7.68 -11.76
CA GLY IA 14 -8.52 -8.14 -11.09
C GLY IA 14 -7.25 -7.66 -11.79
N LEU IA 15 -7.26 -7.77 -13.12
CA LEU IA 15 -6.13 -7.29 -13.92
C LEU IA 15 -5.93 -5.77 -13.76
N LYS IA 16 -7.03 -5.02 -13.72
CA LYS IA 16 -6.94 -3.59 -13.48
C LYS IA 16 -6.38 -3.27 -12.09
N GLU IA 17 -6.72 -4.07 -11.08
CA GLU IA 17 -6.15 -3.89 -9.75
C GLU IA 17 -4.63 -4.14 -9.79
N ILE IA 18 -4.20 -5.15 -10.54
CA ILE IA 18 -2.79 -5.42 -10.73
C ILE IA 18 -2.10 -4.20 -11.36
N ALA IA 19 -2.73 -3.62 -12.39
CA ALA IA 19 -2.21 -2.41 -13.00
C ALA IA 19 -2.01 -1.30 -11.99
N TRP IA 20 -2.99 -1.10 -11.10
CA TRP IA 20 -2.88 -0.09 -10.06
C TRP IA 20 -1.70 -0.39 -9.10
N GLY IA 21 -1.49 -1.68 -8.79
CA GLY IA 21 -0.35 -2.08 -8.02
C GLY IA 21 0.98 -1.70 -8.68
N LEU IA 22 1.06 -1.91 -10.00
CA LEU IA 22 2.24 -1.49 -10.75
C LEU IA 22 2.46 0.01 -10.70
N LYS IA 23 1.37 0.77 -10.83
CA LYS IA 23 1.46 2.22 -10.70
C LYS IA 23 1.97 2.64 -9.32
N GLU IA 24 1.55 1.93 -8.26
CA GLU IA 24 2.10 2.19 -6.94
C GLU IA 24 3.55 1.92 -6.83
N ILE IA 25 4.00 0.83 -7.46
CA ILE IA 25 5.44 0.52 -7.54
C ILE IA 25 6.18 1.67 -8.22
N ALA IA 26 5.63 2.17 -9.34
CA ALA IA 26 6.25 3.27 -10.06
C ALA IA 26 6.43 4.50 -9.14
N GLN IA 27 5.41 4.78 -8.35
CA GLN IA 27 5.45 5.92 -7.40
C GLN IA 27 6.52 5.69 -6.33
N GLY IA 28 6.63 4.44 -5.88
CA GLY IA 28 7.65 4.03 -4.92
C GLY IA 28 9.07 4.18 -5.42
N LEU IA 29 9.27 3.90 -6.71
CA LEU IA 29 10.57 4.12 -7.37
C LEU IA 29 10.87 5.59 -7.51
N LYS IA 30 9.85 6.38 -7.85
CA LYS IA 30 9.99 7.82 -8.10
C LYS IA 30 10.36 8.60 -6.84
N GLY IA 31 10.02 8.07 -5.66
CA GLY IA 31 10.38 8.66 -4.39
C GLY IA 31 11.01 7.70 -3.38
C ACE JA 1 -24.14 -20.66 -9.74
O ACE JA 1 -24.22 -21.67 -9.12
CH3 ACE JA 1 -24.76 -19.37 -9.24
N GLY JA 2 -23.55 -20.59 -10.91
CA GLY JA 2 -22.91 -21.73 -11.51
C GLY JA 2 -21.52 -21.98 -10.98
N GLU JA 3 -21.10 -23.25 -10.99
CA GLU JA 3 -19.80 -23.59 -10.41
C GLU JA 3 -18.61 -23.15 -11.27
N ILE JA 4 -18.75 -23.21 -12.61
CA ILE JA 4 -17.70 -22.71 -13.48
C ILE JA 4 -17.53 -21.20 -13.31
N ALA JA 5 -18.64 -20.49 -13.31
CA ALA JA 5 -18.62 -19.05 -13.06
C ALA JA 5 -17.96 -18.75 -11.72
N GLN JA 6 -18.28 -19.55 -10.70
CA GLN JA 6 -17.68 -19.34 -9.38
C GLN JA 6 -16.16 -19.54 -9.43
N GLY JA 7 -15.71 -20.55 -10.18
CA GLY JA 7 -14.29 -20.77 -10.36
C GLY JA 7 -13.61 -19.54 -10.97
N LEU JA 8 -14.24 -18.94 -11.99
CA LEU JA 8 -13.70 -17.73 -12.60
C LEU JA 8 -13.64 -16.57 -11.58
N LYS JA 9 -14.70 -16.45 -10.75
CA LYS JA 9 -14.71 -15.44 -9.72
C LYS JA 9 -13.63 -15.64 -8.67
N GLU JA 10 -13.33 -16.90 -8.34
CA GLU JA 10 -12.22 -17.20 -7.42
C GLU JA 10 -10.86 -16.81 -8.04
N ILE JA 11 -10.71 -17.08 -9.34
CA ILE JA 11 -9.52 -16.65 -10.06
C ILE JA 11 -9.36 -15.11 -9.97
N ALA JA 12 -10.45 -14.38 -10.18
CA ALA JA 12 -10.43 -12.93 -10.04
C ALA JA 12 -9.96 -12.50 -8.65
N LYS JA 13 -10.47 -13.17 -7.60
CA LYS JA 13 -10.03 -12.87 -6.24
C LYS JA 13 -8.52 -13.12 -6.05
N GLY JA 14 -8.00 -14.20 -6.67
CA GLY JA 14 -6.59 -14.48 -6.68
C GLY JA 14 -5.78 -13.34 -7.31
N LEU JA 15 -6.28 -12.81 -8.42
CA LEU JA 15 -5.63 -11.68 -9.08
C LEU JA 15 -5.63 -10.43 -8.19
N LYS JA 16 -6.72 -10.20 -7.46
CA LYS JA 16 -6.76 -9.11 -6.51
C LYS JA 16 -5.74 -9.29 -5.37
N GLU JA 17 -5.55 -10.53 -4.92
CA GLU JA 17 -4.53 -10.81 -3.90
C GLU JA 17 -3.12 -10.49 -4.45
N ILE JA 18 -2.88 -10.83 -5.72
CA ILE JA 18 -1.63 -10.49 -6.38
C ILE JA 18 -1.44 -8.97 -6.39
N ALA JA 19 -2.50 -8.23 -6.73
CA ALA JA 19 -2.43 -6.78 -6.68
C ALA JA 19 -2.03 -6.26 -5.31
N TRP JA 20 -2.60 -6.84 -4.24
CA TRP JA 20 -2.21 -6.47 -2.88
C TRP JA 20 -0.72 -6.76 -2.60
N GLY JA 21 -0.22 -7.88 -3.12
CA GLY JA 21 1.18 -8.19 -3.04
C GLY JA 21 2.07 -7.11 -3.69
N LEU JA 22 1.64 -6.65 -4.87
CA LEU JA 22 2.35 -5.58 -5.55
C LEU JA 22 2.33 -4.27 -4.74
N LYS JA 23 1.18 -3.97 -4.15
CA LYS JA 23 1.09 -2.80 -3.27
C LYS JA 23 2.02 -2.91 -2.07
N GLU JA 24 2.19 -4.11 -1.51
CA GLU JA 24 3.14 -4.32 -0.43
C GLU JA 24 4.57 -4.08 -0.89
N ILE JA 25 4.89 -4.53 -2.11
CA ILE JA 25 6.20 -4.26 -2.69
C ILE JA 25 6.41 -2.74 -2.81
N ALA JA 26 5.38 -2.02 -3.28
CA ALA JA 26 5.47 -0.57 -3.41
C ALA JA 26 5.80 0.08 -2.06
N GLN JA 27 5.15 -0.40 -1.01
CA GLN JA 27 5.35 0.13 0.37
C GLN JA 27 6.77 -0.17 0.83
N GLY JA 28 7.29 -1.36 0.47
CA GLY JA 28 8.65 -1.76 0.78
C GLY JA 28 9.69 -0.89 0.10
N LEU JA 29 9.42 -0.47 -1.12
CA LEU JA 29 10.29 0.47 -1.85
C LEU JA 29 10.23 1.86 -1.22
N LYS JA 30 9.04 2.28 -0.83
CA LYS JA 30 8.80 3.61 -0.26
C LYS JA 30 9.49 3.83 1.08
N GLY JA 31 9.76 2.74 1.81
CA GLY JA 31 10.49 2.79 3.07
C GLY JA 31 10.38 1.40 3.65
C1 GOL KA . 2.80 25.08 -15.84
O1 GOL KA . 2.97 24.70 -14.48
C2 GOL KA . 2.33 26.51 -15.96
O2 GOL KA . 1.47 26.63 -17.09
C3 GOL KA . 1.61 27.03 -14.72
O3 GOL KA . 1.60 28.45 -14.67
C1 GOL LA . 16.33 34.36 -8.70
O1 GOL LA . 15.96 35.27 -9.73
C2 GOL LA . 16.65 33.01 -9.28
O2 GOL LA . 17.72 33.14 -10.22
C3 GOL LA . 17.00 31.97 -8.25
O3 GOL LA . 17.52 30.78 -8.85
C1 GOL MA . 11.75 29.06 -10.82
O1 GOL MA . 11.64 30.43 -10.40
C2 GOL MA . 13.16 28.74 -11.29
O2 GOL MA . 13.96 29.92 -11.24
C3 GOL MA . 13.22 28.14 -12.68
O3 GOL MA . 13.14 29.13 -13.69
C1 GOL NA . 7.11 26.98 -12.41
O1 GOL NA . 6.93 28.39 -12.29
C2 GOL NA . 8.37 26.63 -13.20
O2 GOL NA . 9.28 25.94 -12.34
C3 GOL NA . 8.10 25.79 -14.43
O3 GOL NA . 9.07 26.02 -15.44
C1 IPA OA . -1.01 24.19 -20.19
C2 IPA OA . -0.66 24.25 -18.73
C3 IPA OA . -1.15 23.04 -17.96
O2 IPA OA . -1.07 25.49 -18.09
C1 GOL PA . 18.56 32.59 -14.44
O1 GOL PA . 18.42 33.97 -14.09
C2 GOL PA . 19.15 31.79 -13.29
O2 GOL PA . 19.41 32.65 -12.18
C3 GOL PA . 18.28 30.65 -12.82
O3 GOL PA . 18.56 30.29 -11.47
C1 GOL QA . -7.35 24.55 -21.65
O1 GOL QA . -6.66 25.07 -22.80
C2 GOL QA . -7.48 23.05 -21.74
O2 GOL QA . -8.15 22.56 -20.59
C3 GOL QA . -6.16 22.33 -21.91
O3 GOL QA . -6.10 21.13 -21.14
C1 IPA RA . -1.46 27.35 -21.22
C2 IPA RA . -2.47 27.36 -20.12
C3 IPA RA . -2.86 28.72 -19.66
O2 IPA RA . -1.94 26.63 -19.01
C1 IPA SA . 4.63 28.44 -18.20
C2 IPA SA . 3.69 28.02 -19.29
C3 IPA SA . 2.31 28.58 -19.17
O2 IPA SA . 3.65 26.59 -19.36
C1 GOL TA . 7.94 30.00 -15.55
O1 GOL TA . 8.75 29.55 -14.50
C2 GOL TA . 6.77 30.81 -15.00
O2 GOL TA . 6.84 30.86 -13.57
C3 GOL TA . 6.72 32.21 -15.58
O3 GOL TA . 6.80 32.16 -17.01
C1 GOL UA . 11.98 32.63 -14.48
O1 GOL UA . 12.86 31.89 -15.32
C2 GOL UA . 11.65 31.88 -13.20
O2 GOL UA . 11.20 30.57 -13.52
C3 GOL UA . 10.63 32.60 -12.35
O3 GOL UA . 11.11 32.85 -11.03
C1 GOL VA . -11.05 19.72 -19.95
O1 GOL VA . -12.21 20.01 -19.18
C2 GOL VA . -11.18 20.19 -21.39
O2 GOL VA . -10.66 21.51 -21.53
C3 GOL VA . -10.50 19.27 -22.38
O3 GOL VA . -10.39 19.88 -23.67
C1 GOL WA . -13.22 9.85 11.23
O1 GOL WA . -14.25 9.52 12.16
C2 GOL WA . -13.74 9.97 9.82
O2 GOL WA . -15.12 10.35 9.88
C3 GOL WA . -13.59 8.72 8.99
O3 GOL WA . -12.28 8.18 9.09
C1 GOL XA . -27.38 0.08 7.04
O1 GOL XA . -27.60 1.45 7.36
C2 GOL XA . -25.96 -0.35 7.34
O2 GOL XA . -25.72 -0.30 8.74
C3 GOL XA . -25.61 -1.70 6.75
O3 GOL XA . -25.15 -2.63 7.74
C1 GOL YA . -23.66 3.43 8.38
O1 GOL YA . -23.73 4.34 9.48
C2 GOL YA . -22.67 2.30 8.60
O2 GOL YA . -23.26 1.25 9.37
C3 GOL YA . -22.13 1.79 7.28
O3 GOL YA . -21.08 0.83 7.45
C1 GOL ZA . -16.68 5.40 9.72
O1 GOL ZA . -16.45 5.50 11.13
C2 GOL ZA . -17.51 6.57 9.23
O2 GOL ZA . -17.65 6.52 7.81
C3 GOL ZA . -18.87 6.66 9.87
O3 GOL ZA . -19.04 7.90 10.54
C1 GOL AB . -32.00 -3.33 9.90
O1 GOL AB . -33.15 -3.01 9.12
C2 GOL AB . -31.92 -4.81 10.22
O2 GOL AB . -33.05 -5.15 11.05
C3 GOL AB . -31.90 -5.71 9.00
O3 GOL AB . -30.66 -6.40 8.87
C1 GOL BB . -8.17 11.08 14.67
O1 GOL BB . -7.33 11.11 13.51
C2 GOL BB . -8.33 9.69 15.28
O2 GOL BB . -8.68 9.81 16.66
C3 GOL BB . -7.11 8.80 15.19
O3 GOL BB . -7.36 7.67 14.36
C1 GOL CB . -27.64 -0.02 11.70
O1 GOL CB . -27.87 0.19 10.31
C2 GOL CB . -27.20 -1.44 11.99
O2 GOL CB . -28.20 -2.36 11.58
C3 GOL CB . -25.88 -1.80 11.33
O3 GOL CB . -26.05 -2.63 10.18
C1 GOL DB . -12.05 5.57 11.39
O1 GOL DB . -11.97 6.14 10.09
C2 GOL DB . -12.83 6.44 12.36
O2 GOL DB . -14.01 6.97 11.74
C3 GOL DB . -13.21 5.67 13.61
O3 GOL DB . -12.80 6.33 14.80
C1 GOL EB . -22.85 2.97 12.65
O1 GOL EB . -23.78 3.57 11.74
C2 GOL EB . -23.14 1.49 12.84
O2 GOL EB . -23.90 1.01 11.73
C3 GOL EB . -21.90 0.65 13.01
O3 GOL EB . -21.55 -0.01 11.80
C1 IPA FB . -16.39 2.47 13.05
C2 IPA FB . -17.43 3.54 13.21
C3 IPA FB . -17.59 4.02 14.61
O2 IPA FB . -17.13 4.66 12.35
C1 GOL GB . -3.89 11.57 16.03
O1 GOL GB . -2.96 10.78 15.29
C2 GOL GB . -4.25 12.85 15.30
O2 GOL GB . -4.93 12.54 14.09
C3 GOL GB . -5.07 13.81 16.13
O3 GOL GB . -5.41 14.99 15.42
C1 GOL HB . -29.85 -4.96 4.98
O1 GOL HB . -29.89 -5.90 6.05
C2 GOL HB . -31.24 -4.48 4.60
O2 GOL HB . -32.10 -4.53 5.75
C3 GOL HB . -31.27 -3.09 4.01
O3 GOL HB . -32.15 -2.24 4.74
C1 IPA IB . -4.75 13.38 10.32
C2 IPA IB . -3.84 13.83 11.42
C3 IPA IB . -2.91 12.78 11.94
O2 IPA IB . -4.60 14.38 12.50
C1 GOL JB . 23.10 -12.76 22.96
O1 GOL JB . 23.91 -12.37 21.85
C2 GOL JB . 23.79 -13.79 23.84
O2 GOL JB . 23.42 -15.10 23.44
C3 GOL JB . 23.50 -13.56 25.32
O3 GOL JB . 23.97 -14.64 26.14
C1 GOL KB . 10.00 -19.11 18.51
O1 GOL KB . 9.96 -20.51 18.79
C2 GOL KB . 8.81 -18.39 19.08
O2 GOL KB . 7.78 -19.35 19.35
C3 GOL KB . 9.10 -17.60 20.34
O3 GOL KB . 8.12 -17.81 21.35
C1 GOL LB . 9.38 -19.65 23.48
O1 GOL LB . 8.10 -19.02 23.39
C2 GOL LB . 9.54 -20.74 22.44
O2 GOL LB . 10.45 -20.31 21.41
C3 GOL LB . 9.98 -22.06 23.05
O3 GOL LB . 10.10 -23.10 22.08
C1 GOL MB . 17.88 -15.13 25.00
O1 GOL MB . 18.63 -16.18 25.61
C2 GOL MB . 18.74 -14.36 24.02
O2 GOL MB . 19.37 -13.29 24.71
C3 GOL MB . 17.99 -13.81 22.82
O3 GOL MB . 18.66 -14.10 21.59
C1 GOL NB . 28.99 -11.16 26.68
O1 GOL NB . 28.66 -10.21 25.67
C2 GOL NB . 29.65 -12.38 26.08
O2 GOL NB . 30.79 -11.98 25.33
C3 GOL NB . 30.06 -13.42 27.11
O3 GOL NB . 30.72 -14.51 26.49
C1 GOL OB . -0.18 -26.44 21.05
O1 GOL OB . -0.82 -25.53 21.93
C2 GOL OB . 0.41 -25.75 19.83
O2 GOL OB . 0.24 -24.34 19.89
C3 GOL OB . -0.18 -26.24 18.52
O3 GOL OB . -0.23 -25.18 17.57
C1 GOL PB . 20.55 -18.51 23.71
O1 GOL PB . 19.69 -18.33 24.83
C2 GOL PB . 20.30 -17.52 22.58
O2 GOL PB . 20.69 -16.20 22.96
C3 GOL PB . 21.04 -17.93 21.32
O3 GOL PB . 20.17 -18.32 20.25
C1 GOL QB . 13.69 -17.49 20.24
O1 GOL QB . 13.56 -16.50 21.25
C2 GOL QB . 14.06 -18.84 20.82
O2 GOL QB . 13.13 -19.22 21.83
C3 GOL QB . 14.18 -19.93 19.78
O3 GOL QB . 15.52 -20.38 19.64
C1 GOL RB . 28.99 -11.05 21.56
O1 GOL RB . 28.89 -9.89 22.39
C2 GOL RB . 30.42 -11.50 21.41
O2 GOL RB . 31.01 -11.60 22.70
C3 GOL RB . 30.57 -12.82 20.67
O3 GOL RB . 30.87 -13.89 21.55
C1 GOL SB . 3.10 -21.24 21.28
O1 GOL SB . 3.23 -21.91 22.54
C2 GOL SB . 3.57 -22.13 20.15
O2 GOL SB . 2.85 -23.35 20.19
C3 GOL SB . 3.43 -21.49 18.77
O3 GOL SB . 4.08 -22.27 17.78
C1 GOL TB . -6.33 -20.84 -19.69
O1 GOL TB . -6.83 -22.16 -19.55
C2 GOL TB . -7.40 -19.79 -19.42
O2 GOL TB . -6.88 -18.50 -19.76
C3 GOL TB . -7.89 -19.83 -17.98
O3 GOL TB . -9.04 -19.00 -17.78
C1 GOL UB . -2.82 -18.02 -17.39
O1 GOL UB . -3.85 -17.96 -16.40
C2 GOL UB . -3.38 -17.80 -18.78
O2 GOL UB . -4.60 -17.07 -18.68
C3 GOL UB . -2.43 -17.12 -19.75
O3 GOL UB . -2.98 -15.90 -20.26
C1 GOL VB . 10.55 -9.33 -14.07
O1 GOL VB . 11.11 -8.25 -14.83
C2 GOL VB . 11.56 -9.93 -13.12
O2 GOL VB . 12.66 -10.43 -13.87
C3 GOL VB . 10.97 -11.03 -12.25
O3 GOL VB . 10.49 -10.52 -11.01
C1 GOL WB . 4.57 -10.13 -16.34
O1 GOL WB . 5.86 -10.50 -16.81
C2 GOL WB . 4.46 -10.20 -14.84
O2 GOL WB . 4.12 -11.52 -14.42
C3 GOL WB . 3.47 -9.20 -14.28
O3 GOL WB . 3.17 -9.45 -12.90
C1 IPA XB . -7.28 -18.37 -24.35
C2 IPA XB . -7.00 -17.98 -22.94
C3 IPA XB . -8.12 -17.24 -22.29
O2 IPA XB . -6.65 -19.15 -22.19
C1 GOL YB . -12.13 -20.97 -25.48
O1 GOL YB . -11.27 -22.10 -25.27
C2 GOL YB . -12.75 -20.51 -24.19
O2 GOL YB . -13.55 -21.55 -23.63
C3 GOL YB . -13.60 -19.27 -24.34
O3 GOL YB . -14.43 -19.07 -23.21
C1 GOL ZB . 0.33 -12.72 -17.78
O1 GOL ZB . 0.75 -11.63 -18.59
C2 GOL ZB . -0.29 -12.23 -16.48
O2 GOL ZB . -0.89 -10.95 -16.70
C3 GOL ZB . 0.69 -12.14 -15.33
O3 GOL ZB . 1.85 -12.94 -15.52
C1 GOL AC . 12.26 -3.76 -9.68
O1 GOL AC . 11.85 -4.32 -8.43
C2 GOL AC . 13.27 -4.64 -10.38
O2 GOL AC . 12.81 -5.98 -10.34
C3 GOL AC . 13.55 -4.25 -11.81
O3 GOL AC . 14.42 -5.20 -12.44
C1 GOL BC . 8.66 -5.87 -11.71
O1 GOL BC . 8.24 -5.85 -13.08
C2 GOL BC . 9.11 -7.25 -11.29
O2 GOL BC . 10.52 -7.39 -11.42
C3 GOL BC . 8.70 -7.60 -9.86
O3 GOL BC . 9.05 -8.93 -9.53
C1 GOL CC . -13.68 -21.82 -19.65
O1 GOL CC . -14.20 -20.73 -20.39
C2 GOL CC . -13.45 -23.03 -20.54
O2 GOL CC . -14.65 -23.79 -20.61
C3 GOL CC . -12.31 -23.91 -20.09
O3 GOL CC . -11.70 -24.56 -21.21
C1 IPA DC . -5.37 -14.16 -18.19
C2 IPA DC . -5.19 -14.11 -16.71
C3 IPA DC . -3.85 -13.61 -16.29
O2 IPA DC . -5.41 -15.40 -16.12
#